data_5W2J
#
_entry.id   5W2J
#
_cell.length_a   84.940
_cell.length_b   100.880
_cell.length_c   145.450
_cell.angle_alpha   90.00
_cell.angle_beta   90.00
_cell.angle_gamma   90.00
#
_symmetry.space_group_name_H-M   'P 21 21 21'
#
loop_
_entity.id
_entity.type
_entity.pdbx_description
1 polymer 'Glutaminase kidney isoform, mitochondrial'
2 polymer 'unidentified peptide'
3 non-polymer 'CHLORIDE ION'
4 water water
#
loop_
_entity_poly.entity_id
_entity_poly.type
_entity_poly.pdbx_seq_one_letter_code
_entity_poly.pdbx_strand_id
1 'polypeptide(L)'
;LPSLEDLLFYTIAEGQEKIPVHKFITALKSTGLRTSDPRLKECMDMLRLTLQTTSDGVMLDKDLFKKCVQSNIVLLTQAF
RRKFVIPDFMSFTSHIDELYESAKKQSGGKVADYIPQLAKFSPDLWGVSVCTVDGQRHSIGDTKVPFCLQSCVKPLKYAI
AVNDLGTEYVHRYVGKEPSGLRFNKLFLNEDDKPHNPMVNAGAIVVTSLIKQGVNNAEKFDYVMQFLNKMAGNEYVGFSN
ATFQSERESGKRNFAIGYYLKEKKCFPEGTDMVGILDFYFQLCSIEVTCESASVMAATLANGGFCPITGERVLSPEAVRN
TLSLMHSCGMYDFSGQFAFHVGLPAKSGVAGGILLVVPNVMGMMCWSPPLDKMGNSVKGIHFCHDLVSLCNFHNYDNLRH
FAKKLDPRREG
;
A,B
2 'polypeptide(L)' AKGALQELGAGLTA F
#
# COMPACT_ATOMS: atom_id res chain seq x y z
N SER A 3 10.78 5.41 -38.56
CA SER A 3 9.28 5.58 -38.50
C SER A 3 8.90 6.15 -37.12
N LEU A 4 9.23 5.44 -36.05
CA LEU A 4 9.16 6.05 -34.73
C LEU A 4 10.08 7.28 -34.71
N GLU A 5 11.33 7.05 -35.06
CA GLU A 5 12.29 8.12 -35.16
C GLU A 5 11.79 9.16 -36.16
N ASP A 6 11.23 8.73 -37.28
CA ASP A 6 10.49 9.65 -38.19
C ASP A 6 9.48 10.54 -37.48
N LEU A 7 8.63 9.91 -36.69
CA LEU A 7 7.54 10.58 -35.98
C LEU A 7 8.01 11.55 -34.88
N LEU A 8 9.08 11.20 -34.17
CA LEU A 8 9.65 12.13 -33.24
C LEU A 8 10.23 13.34 -34.00
N PHE A 9 10.91 13.11 -35.13
CA PHE A 9 11.43 14.25 -35.90
C PHE A 9 10.37 15.32 -36.06
N TYR A 10 9.18 14.94 -36.57
CA TYR A 10 8.14 15.90 -36.95
C TYR A 10 7.51 16.61 -35.75
N THR A 11 7.23 15.92 -34.66
CA THR A 11 6.60 16.61 -33.52
C THR A 11 7.41 17.87 -33.12
N ILE A 12 8.73 17.79 -33.18
CA ILE A 12 9.65 18.90 -32.82
C ILE A 12 9.95 19.85 -33.98
N ALA A 13 9.95 19.30 -35.19
CA ALA A 13 10.35 20.04 -36.36
C ALA A 13 9.29 21.09 -36.76
N GLU A 14 8.02 20.73 -36.68
CA GLU A 14 6.96 21.61 -37.18
C GLU A 14 7.36 22.03 -38.60
N GLY A 15 7.97 21.09 -39.31
CA GLY A 15 8.75 21.32 -40.51
C GLY A 15 8.51 22.56 -41.32
N GLN A 16 9.53 23.38 -41.51
CA GLN A 16 10.84 23.18 -40.90
C GLN A 16 11.51 21.91 -41.38
N GLU A 17 12.44 22.06 -42.32
CA GLU A 17 13.16 20.90 -42.85
C GLU A 17 14.29 20.49 -41.94
N LYS A 18 14.51 21.27 -40.90
CA LYS A 18 15.55 20.93 -39.89
C LYS A 18 15.23 21.35 -38.42
N ILE A 19 15.74 20.56 -37.47
CA ILE A 19 15.68 20.83 -36.01
C ILE A 19 16.98 21.48 -35.48
N PRO A 20 16.86 22.63 -34.78
CA PRO A 20 17.95 23.08 -33.94
C PRO A 20 18.11 22.09 -32.79
N VAL A 21 19.33 21.64 -32.51
CA VAL A 21 19.52 20.64 -31.46
C VAL A 21 19.04 21.20 -30.10
N HIS A 22 19.27 22.48 -29.79
CA HIS A 22 18.78 23.06 -28.52
C HIS A 22 17.29 22.96 -28.33
N LYS A 23 16.53 22.90 -29.42
CA LYS A 23 15.06 22.80 -29.32
C LYS A 23 14.72 21.41 -28.89
N PHE A 24 15.41 20.44 -29.48
CA PHE A 24 15.29 19.08 -29.07
C PHE A 24 15.71 18.87 -27.62
N ILE A 25 16.80 19.50 -27.19
CA ILE A 25 17.30 19.36 -25.79
C ILE A 25 16.36 20.06 -24.77
N THR A 26 15.88 21.27 -25.04
CA THR A 26 14.94 21.92 -24.06
C THR A 26 13.56 21.19 -23.97
N ALA A 27 13.08 20.61 -25.08
CA ALA A 27 11.85 19.82 -25.05
C ALA A 27 12.09 18.58 -24.16
N LEU A 28 13.24 17.94 -24.31
CA LEU A 28 13.56 16.72 -23.56
C LEU A 28 13.75 16.96 -22.06
N LYS A 29 14.42 18.05 -21.69
CA LYS A 29 14.49 18.47 -20.30
C LYS A 29 13.17 18.72 -19.62
N SER A 30 12.18 19.13 -20.37
CA SER A 30 10.89 19.49 -19.82
C SER A 30 10.03 18.28 -19.45
N THR A 31 10.43 17.10 -19.92
CA THR A 31 9.78 15.85 -19.58
C THR A 31 10.30 15.40 -18.20
N GLY A 32 11.40 15.98 -17.72
CA GLY A 32 12.01 15.59 -16.40
C GLY A 32 13.34 14.84 -16.51
N LEU A 33 13.60 14.31 -17.69
CA LEU A 33 14.81 13.60 -17.95
C LEU A 33 15.97 14.57 -17.97
N ARG A 34 17.16 14.05 -17.74
CA ARG A 34 18.35 14.84 -17.74
C ARG A 34 19.15 14.43 -18.94
N THR A 35 19.92 15.35 -19.51
CA THR A 35 20.74 15.03 -20.66
C THR A 35 21.85 14.08 -20.28
N SER A 36 22.23 14.08 -19.01
CA SER A 36 23.24 13.16 -18.53
C SER A 36 22.75 11.73 -18.27
N ASP A 37 21.46 11.48 -18.39
CA ASP A 37 20.89 10.16 -18.13
C ASP A 37 21.66 9.06 -18.83
N PRO A 38 22.15 8.11 -18.06
CA PRO A 38 22.92 6.98 -18.59
C PRO A 38 22.23 6.26 -19.72
N ARG A 39 20.91 6.21 -19.72
CA ARG A 39 20.20 5.51 -20.77
C ARG A 39 20.19 6.30 -22.07
N LEU A 40 20.53 7.57 -21.98
CA LEU A 40 20.51 8.51 -23.15
C LEU A 40 21.92 8.80 -23.69
N LYS A 41 22.92 8.18 -23.16
CA LYS A 41 24.29 8.41 -23.60
C LYS A 41 24.58 8.22 -25.09
N GLU A 42 24.13 7.12 -25.73
CA GLU A 42 24.36 6.92 -27.18
C GLU A 42 23.79 8.05 -28.07
N CYS A 43 22.57 8.47 -27.78
CA CYS A 43 21.97 9.63 -28.31
C CYS A 43 22.85 10.88 -28.15
N MET A 44 23.32 11.15 -26.94
CA MET A 44 24.15 12.32 -26.71
C MET A 44 25.53 12.23 -27.44
N ASP A 45 26.23 11.09 -27.37
CA ASP A 45 27.45 10.84 -28.09
C ASP A 45 27.21 11.07 -29.61
N MET A 46 26.12 10.58 -30.17
CA MET A 46 25.83 10.74 -31.58
C MET A 46 25.54 12.20 -31.95
N LEU A 47 24.81 12.93 -31.12
CA LEU A 47 24.53 14.33 -31.38
C LEU A 47 25.83 15.12 -31.42
N ARG A 48 26.72 14.86 -30.48
CA ARG A 48 28.00 15.53 -30.42
C ARG A 48 28.80 15.27 -31.68
N LEU A 49 29.05 14.00 -31.98
CA LEU A 49 29.83 13.59 -33.13
C LEU A 49 29.31 14.07 -34.47
N THR A 50 28.04 13.79 -34.74
CA THR A 50 27.34 14.22 -35.98
C THR A 50 27.33 15.74 -36.27
N LEU A 51 27.03 16.51 -35.23
CA LEU A 51 27.05 17.96 -35.27
C LEU A 51 28.40 18.53 -35.62
N GLN A 52 29.49 17.88 -35.24
CA GLN A 52 30.82 18.30 -35.63
C GLN A 52 31.08 18.21 -37.13
N THR A 53 30.28 17.43 -37.85
CA THR A 53 30.41 17.21 -39.32
C THR A 53 29.53 18.21 -40.11
N THR A 54 28.87 19.11 -39.38
CA THR A 54 27.87 19.99 -39.88
C THR A 54 28.53 21.41 -40.16
N SER A 55 27.91 22.14 -41.07
CA SER A 55 28.37 23.47 -41.45
C SER A 55 28.16 24.48 -40.30
N ASP A 56 27.04 24.37 -39.59
CA ASP A 56 26.74 25.31 -38.52
C ASP A 56 26.89 24.76 -37.10
N GLY A 57 26.83 23.44 -36.96
CA GLY A 57 26.95 22.84 -35.61
C GLY A 57 25.68 22.94 -34.79
N VAL A 58 24.56 23.34 -35.40
CA VAL A 58 23.25 23.40 -34.71
C VAL A 58 22.09 22.55 -35.28
N MET A 59 21.89 22.64 -36.58
CA MET A 59 20.71 22.18 -37.25
C MET A 59 20.85 20.71 -37.62
N LEU A 60 19.83 19.90 -37.37
CA LEU A 60 19.85 18.55 -37.89
C LEU A 60 18.69 18.30 -38.85
N ASP A 61 19.00 17.65 -39.97
CA ASP A 61 17.95 17.18 -40.83
C ASP A 61 17.41 15.84 -40.32
N LYS A 62 16.33 15.37 -40.94
CA LYS A 62 15.68 14.10 -40.63
C LYS A 62 16.67 12.93 -40.65
N ASP A 63 17.55 12.83 -41.65
CA ASP A 63 18.42 11.64 -41.69
C ASP A 63 19.36 11.62 -40.49
N LEU A 64 19.86 12.79 -40.09
CA LEU A 64 20.91 12.83 -39.10
C LEU A 64 20.24 12.71 -37.74
N PHE A 65 19.16 13.46 -37.54
CA PHE A 65 18.43 13.40 -36.29
C PHE A 65 18.00 11.98 -36.01
N LYS A 66 17.47 11.30 -37.02
CA LYS A 66 17.01 9.90 -36.89
C LYS A 66 18.19 8.98 -36.56
N LYS A 67 19.34 9.25 -37.15
CA LYS A 67 20.55 8.50 -36.80
C LYS A 67 20.93 8.67 -35.31
N CYS A 68 20.77 9.86 -34.74
CA CYS A 68 21.22 10.13 -33.37
C CYS A 68 20.29 9.55 -32.36
N VAL A 69 19.01 9.53 -32.66
CA VAL A 69 17.92 9.26 -31.71
C VAL A 69 17.56 7.77 -31.70
N GLN A 70 17.99 7.06 -32.75
CA GLN A 70 17.60 5.67 -33.07
C GLN A 70 17.78 4.63 -31.94
N SER A 71 18.95 4.69 -31.33
CA SER A 71 19.37 3.71 -30.36
C SER A 71 18.58 3.80 -29.05
N ASN A 72 18.01 4.96 -28.76
CA ASN A 72 17.25 5.21 -27.54
C ASN A 72 15.83 5.75 -27.84
N ILE A 73 15.24 5.33 -28.97
CA ILE A 73 13.96 5.92 -29.41
C ILE A 73 12.73 5.50 -28.61
N VAL A 74 12.72 4.29 -28.04
CA VAL A 74 11.62 3.85 -27.20
C VAL A 74 11.54 4.75 -25.96
N LEU A 75 12.67 4.96 -25.27
CA LEU A 75 12.71 5.84 -24.13
C LEU A 75 12.33 7.30 -24.57
N LEU A 76 12.91 7.77 -25.64
CA LEU A 76 12.60 9.11 -26.12
C LEU A 76 11.15 9.32 -26.46
N THR A 77 10.54 8.35 -27.10
CA THR A 77 9.09 8.37 -27.40
C THR A 77 8.19 8.28 -26.17
N GLN A 78 8.52 7.45 -25.18
CA GLN A 78 7.75 7.43 -23.96
C GLN A 78 7.79 8.79 -23.26
N ALA A 79 8.96 9.39 -23.18
CA ALA A 79 9.18 10.70 -22.60
C ALA A 79 8.34 11.77 -23.30
N PHE A 80 8.52 11.89 -24.60
CA PHE A 80 7.76 12.87 -25.39
C PHE A 80 6.23 12.67 -25.50
N ARG A 81 5.77 11.42 -25.47
CA ARG A 81 4.35 11.12 -25.58
C ARG A 81 3.65 11.07 -24.21
N ARG A 82 4.28 11.67 -23.21
CA ARG A 82 3.81 11.72 -21.81
C ARG A 82 3.34 10.39 -21.22
N LYS A 83 4.15 9.36 -21.35
CA LYS A 83 3.84 8.03 -20.89
C LYS A 83 4.54 7.69 -19.58
N PHE A 84 5.34 8.62 -19.04
CA PHE A 84 6.03 8.42 -17.76
C PHE A 84 4.99 8.57 -16.65
N VAL A 85 5.35 8.09 -15.46
CA VAL A 85 4.43 7.89 -14.36
C VAL A 85 3.88 9.25 -13.85
N ILE A 86 4.68 10.31 -13.96
CA ILE A 86 4.14 11.68 -13.83
C ILE A 86 4.13 12.42 -15.17
N PRO A 87 3.07 12.28 -15.95
CA PRO A 87 3.17 12.90 -17.28
C PRO A 87 3.33 14.44 -17.28
N ASP A 88 2.67 15.18 -16.40
CA ASP A 88 2.93 16.62 -16.28
C ASP A 88 3.92 16.96 -15.19
N PHE A 89 5.23 16.78 -15.48
CA PHE A 89 6.25 16.93 -14.48
C PHE A 89 6.60 18.38 -14.11
N MET A 90 6.58 19.29 -15.05
CA MET A 90 6.74 20.72 -14.74
C MET A 90 5.70 21.21 -13.72
N SER A 91 4.46 20.85 -13.89
CA SER A 91 3.48 21.21 -12.88
C SER A 91 3.69 20.44 -11.54
N PHE A 92 4.09 19.18 -11.62
CA PHE A 92 4.41 18.47 -10.36
C PHE A 92 5.53 19.12 -9.54
N THR A 93 6.62 19.51 -10.18
CA THR A 93 7.80 20.07 -9.52
C THR A 93 7.46 21.46 -8.93
N SER A 94 6.64 22.21 -9.62
CA SER A 94 6.13 23.42 -9.01
C SER A 94 5.33 23.11 -7.70
N HIS A 95 4.48 22.08 -7.66
CA HIS A 95 3.91 21.63 -6.33
C HIS A 95 4.96 21.24 -5.31
N ILE A 96 5.99 20.51 -5.71
CA ILE A 96 7.11 20.20 -4.80
C ILE A 96 7.80 21.47 -4.24
N ASP A 97 8.11 22.43 -5.10
CA ASP A 97 8.69 23.70 -4.68
C ASP A 97 7.85 24.36 -3.58
N GLU A 98 6.53 24.39 -3.74
CA GLU A 98 5.64 24.89 -2.72
C GLU A 98 5.67 24.09 -1.43
N LEU A 99 5.81 22.78 -1.49
CA LEU A 99 5.94 22.04 -0.23
C LEU A 99 7.28 22.36 0.42
N TYR A 100 8.32 22.52 -0.40
CA TYR A 100 9.64 22.90 0.05
C TYR A 100 9.62 24.26 0.85
N GLU A 101 9.12 25.33 0.22
CA GLU A 101 9.05 26.67 0.83
C GLU A 101 8.23 26.71 2.12
N SER A 102 7.17 25.96 2.17
CA SER A 102 6.33 25.96 3.37
C SER A 102 7.07 25.20 4.56
N ALA A 103 7.70 24.07 4.29
CA ALA A 103 8.59 23.38 5.28
C ALA A 103 9.82 24.25 5.63
N LYS A 104 10.22 25.14 4.72
CA LYS A 104 11.41 25.95 4.96
C LYS A 104 11.18 26.91 6.09
N LYS A 105 9.94 27.33 6.31
CA LYS A 105 9.65 28.27 7.42
C LYS A 105 9.69 27.61 8.79
N GLN A 106 9.70 26.28 8.89
CA GLN A 106 9.82 25.65 10.20
C GLN A 106 11.28 25.72 10.57
N SER A 107 11.58 26.25 11.74
CA SER A 107 12.98 26.46 12.13
C SER A 107 13.28 25.76 13.49
N GLY A 108 12.30 25.02 14.01
CA GLY A 108 12.48 24.29 15.24
C GLY A 108 13.44 23.12 15.06
N GLY A 109 13.78 22.52 16.18
CA GLY A 109 14.68 21.38 16.22
C GLY A 109 16.10 21.70 16.66
N LYS A 110 16.84 20.64 16.96
CA LYS A 110 18.21 20.74 17.40
C LYS A 110 19.06 19.93 16.51
N VAL A 111 20.11 20.56 16.00
CA VAL A 111 21.10 19.86 15.22
C VAL A 111 21.78 18.92 16.19
N ALA A 112 22.06 17.70 15.75
CA ALA A 112 22.72 16.71 16.60
C ALA A 112 24.15 17.13 16.88
N ASP A 113 24.63 16.85 18.09
CA ASP A 113 25.97 17.27 18.54
C ASP A 113 26.71 16.32 19.49
N TYR A 114 26.31 15.06 19.58
CA TYR A 114 27.12 14.03 20.22
C TYR A 114 28.49 13.74 19.54
N ILE A 115 28.64 14.03 18.25
CA ILE A 115 29.98 14.09 17.64
C ILE A 115 30.16 15.47 17.01
N PRO A 116 31.40 15.97 16.92
CA PRO A 116 31.59 17.31 16.33
C PRO A 116 31.15 17.43 14.88
N GLN A 117 31.42 16.42 14.07
CA GLN A 117 31.10 16.45 12.64
C GLN A 117 29.64 16.80 12.33
N LEU A 118 28.74 16.28 13.15
CA LEU A 118 27.31 16.53 12.98
C LEU A 118 26.93 17.95 13.47
N ALA A 119 27.43 18.36 14.64
CA ALA A 119 27.12 19.70 15.24
C ALA A 119 27.53 20.89 14.38
N LYS A 120 28.44 20.66 13.44
CA LYS A 120 28.97 21.68 12.53
C LYS A 120 27.91 22.17 11.49
N PHE A 121 26.96 21.31 11.12
CA PHE A 121 26.01 21.63 10.03
C PHE A 121 25.03 22.75 10.36
N SER A 122 25.07 23.82 9.56
CA SER A 122 24.15 24.97 9.68
C SER A 122 22.70 24.51 9.74
N PRO A 123 21.90 25.11 10.63
CA PRO A 123 20.49 24.75 10.79
C PRO A 123 19.62 25.06 9.59
N ASP A 124 20.04 25.97 8.72
CA ASP A 124 19.22 26.44 7.62
C ASP A 124 19.39 25.60 6.36
N LEU A 125 20.25 24.58 6.40
CA LEU A 125 20.42 23.70 5.25
C LEU A 125 19.13 22.91 5.06
N TRP A 126 18.58 22.97 3.85
CA TRP A 126 17.33 22.31 3.53
C TRP A 126 17.33 21.88 2.08
N GLY A 127 17.20 20.58 1.84
CA GLY A 127 17.20 20.06 0.49
C GLY A 127 16.19 18.96 0.26
N VAL A 128 15.65 18.92 -0.95
CA VAL A 128 14.68 17.92 -1.35
C VAL A 128 14.90 17.51 -2.80
N SER A 129 15.15 16.24 -3.03
CA SER A 129 15.31 15.70 -4.39
C SER A 129 14.34 14.56 -4.64
N VAL A 130 13.82 14.57 -5.84
CA VAL A 130 12.92 13.57 -6.34
C VAL A 130 13.51 12.86 -7.57
N CYS A 131 13.25 11.55 -7.70
CA CYS A 131 13.57 10.74 -8.86
C CYS A 131 12.41 9.78 -9.05
N THR A 132 11.66 9.90 -10.17
CA THR A 132 10.52 9.03 -10.39
C THR A 132 11.09 7.66 -10.89
N VAL A 133 10.23 6.68 -10.96
CA VAL A 133 10.58 5.37 -11.50
C VAL A 133 10.89 5.34 -12.95
N ASP A 134 10.70 6.48 -13.63
CA ASP A 134 11.12 6.61 -15.03
C ASP A 134 12.39 7.45 -15.19
N GLY A 135 13.01 7.88 -14.07
CA GLY A 135 14.20 8.75 -14.06
C GLY A 135 13.98 10.27 -14.17
N GLN A 136 12.76 10.70 -13.93
CA GLN A 136 12.48 12.15 -13.93
C GLN A 136 13.06 12.74 -12.67
N ARG A 137 13.82 13.83 -12.77
CA ARG A 137 14.58 14.35 -11.63
C ARG A 137 14.14 15.77 -11.28
N HIS A 138 14.07 16.08 -9.99
CA HIS A 138 13.92 17.46 -9.61
C HIS A 138 14.55 17.69 -8.29
N SER A 139 15.27 18.81 -8.15
CA SER A 139 15.87 19.23 -6.90
C SER A 139 15.62 20.70 -6.63
N ILE A 140 15.34 21.00 -5.38
CA ILE A 140 15.37 22.33 -4.88
C ILE A 140 16.08 22.35 -3.52
N GLY A 141 16.86 23.38 -3.29
CA GLY A 141 17.52 23.67 -2.01
C GLY A 141 18.92 23.14 -2.03
N ASP A 142 19.41 22.71 -0.87
CA ASP A 142 20.76 22.20 -0.73
C ASP A 142 20.95 20.68 -1.02
N THR A 143 20.74 20.32 -2.29
CA THR A 143 20.68 18.92 -2.71
C THR A 143 22.00 18.36 -3.24
N LYS A 144 23.02 19.18 -3.37
CA LYS A 144 24.32 18.72 -3.84
C LYS A 144 25.39 18.82 -2.77
N VAL A 145 24.97 18.90 -1.49
CA VAL A 145 25.88 18.84 -0.32
C VAL A 145 26.04 17.47 0.35
N PRO A 146 27.30 17.00 0.52
CA PRO A 146 27.53 15.74 1.24
C PRO A 146 27.03 15.72 2.67
N PHE A 147 26.33 14.66 3.05
CA PHE A 147 25.96 14.38 4.44
C PHE A 147 25.96 12.87 4.63
N CYS A 148 26.19 12.44 5.86
CA CYS A 148 26.12 11.00 6.22
C CYS A 148 24.73 10.36 6.29
N LEU A 149 24.63 9.17 5.74
CA LEU A 149 23.40 8.41 5.77
C LEU A 149 23.00 8.13 7.23
N GLN A 150 23.96 7.73 8.06
CA GLN A 150 23.60 7.27 9.42
C GLN A 150 22.58 6.15 9.33
N SER A 151 21.53 6.18 10.14
CA SER A 151 20.50 5.16 10.11
C SER A 151 19.71 5.02 8.82
N CYS A 152 19.76 6.01 7.94
CA CYS A 152 19.16 5.80 6.61
C CYS A 152 19.86 4.65 5.91
N VAL A 153 21.03 4.24 6.39
CA VAL A 153 21.71 3.09 5.79
C VAL A 153 21.04 1.80 6.18
N LYS A 154 20.27 1.81 7.28
CA LYS A 154 19.70 0.54 7.81
C LYS A 154 18.89 -0.30 6.80
N PRO A 155 17.97 0.34 6.03
CA PRO A 155 17.26 -0.40 5.00
C PRO A 155 18.12 -0.89 3.81
N LEU A 156 19.10 -0.12 3.39
CA LEU A 156 19.92 -0.46 2.24
C LEU A 156 20.77 -1.71 2.64
N LYS A 157 21.30 -1.77 3.86
CA LYS A 157 22.07 -2.93 4.25
C LYS A 157 21.21 -4.14 4.50
N TYR A 158 20.02 -3.95 5.03
CA TYR A 158 19.07 -5.06 5.09
C TYR A 158 18.66 -5.63 3.69
N ALA A 159 18.35 -4.73 2.77
CA ALA A 159 18.07 -5.08 1.37
C ALA A 159 19.24 -5.91 0.79
N ILE A 160 20.46 -5.45 0.93
CA ILE A 160 21.66 -6.20 0.48
C ILE A 160 21.70 -7.62 1.06
N ALA A 161 21.39 -7.77 2.35
CA ALA A 161 21.48 -9.08 3.02
C ALA A 161 20.40 -9.98 2.51
N VAL A 162 19.17 -9.46 2.36
CA VAL A 162 18.11 -10.31 1.90
C VAL A 162 18.37 -10.69 0.43
N ASN A 163 18.91 -9.72 -0.34
CA ASN A 163 19.27 -10.03 -1.74
C ASN A 163 20.25 -11.18 -1.83
N ASP A 164 21.29 -11.17 -1.00
CA ASP A 164 22.34 -12.13 -1.08
C ASP A 164 21.99 -13.47 -0.38
N LEU A 165 21.18 -13.48 0.67
CA LEU A 165 21.00 -14.64 1.57
C LEU A 165 19.60 -15.19 1.66
N GLY A 166 18.64 -14.38 1.25
CA GLY A 166 17.23 -14.74 1.27
C GLY A 166 16.58 -14.35 2.58
N THR A 167 15.27 -14.17 2.56
CA THR A 167 14.46 -13.87 3.71
C THR A 167 14.61 -14.82 4.89
N GLU A 168 14.58 -16.11 4.62
CA GLU A 168 14.59 -17.13 5.66
C GLU A 168 15.87 -17.10 6.50
N TYR A 169 17.04 -16.95 5.86
CA TYR A 169 18.28 -16.89 6.54
C TYR A 169 18.40 -15.62 7.36
N VAL A 170 18.09 -14.48 6.77
CA VAL A 170 18.17 -13.25 7.46
C VAL A 170 17.30 -13.25 8.69
N HIS A 171 16.06 -13.75 8.57
CA HIS A 171 15.14 -13.75 9.65
C HIS A 171 15.32 -14.84 10.67
N ARG A 172 16.38 -15.67 10.52
CA ARG A 172 16.83 -16.50 11.65
C ARG A 172 17.45 -15.59 12.67
N TYR A 173 18.00 -14.44 12.23
CA TYR A 173 18.78 -13.58 13.13
C TYR A 173 18.04 -12.31 13.66
N VAL A 174 17.03 -11.88 12.93
CA VAL A 174 16.32 -10.66 13.22
C VAL A 174 14.79 -10.83 12.99
N GLY A 175 13.99 -10.09 13.72
CA GLY A 175 12.54 -10.16 13.63
C GLY A 175 12.00 -9.38 12.49
N LYS A 176 10.67 -9.37 12.37
CA LYS A 176 9.93 -8.75 11.26
C LYS A 176 8.92 -7.68 11.65
N GLU A 177 8.89 -7.24 12.91
CA GLU A 177 7.86 -6.32 13.33
C GLU A 177 8.31 -5.22 14.32
N PRO A 178 7.48 -4.16 14.50
CA PRO A 178 7.75 -3.16 15.53
C PRO A 178 7.84 -3.73 16.93
N SER A 179 8.70 -3.18 17.74
CA SER A 179 8.72 -3.48 19.17
C SER A 179 7.50 -2.90 19.84
N GLY A 180 6.99 -1.76 19.35
CA GLY A 180 5.87 -1.08 20.04
C GLY A 180 6.19 -0.61 21.48
N LEU A 181 7.47 -0.57 21.80
CA LEU A 181 8.02 0.07 22.99
C LEU A 181 9.07 1.00 22.42
N ARG A 182 9.76 1.78 23.26
CA ARG A 182 10.68 2.83 22.79
C ARG A 182 11.82 2.22 21.97
N PHE A 183 12.28 2.92 20.92
CA PHE A 183 13.42 2.43 20.09
C PHE A 183 14.68 2.17 20.92
N ASN A 184 14.75 2.85 22.06
CA ASN A 184 15.72 2.68 23.11
C ASN A 184 15.60 1.31 23.76
N LYS A 185 16.71 0.72 24.14
CA LYS A 185 16.64 -0.64 24.63
C LYS A 185 17.50 -0.91 25.85
N LEU A 186 18.03 -2.12 25.95
CA LEU A 186 17.85 -3.13 24.93
C LEU A 186 17.03 -4.31 25.39
N PHE A 187 16.46 -4.99 24.41
CA PHE A 187 15.90 -6.29 24.65
C PHE A 187 15.62 -7.00 23.34
N LEU A 188 15.17 -8.23 23.45
CA LEU A 188 14.98 -9.08 22.31
C LEU A 188 13.56 -9.56 22.33
N ASN A 189 13.07 -10.02 21.20
CA ASN A 189 11.72 -10.52 21.14
C ASN A 189 11.60 -11.90 21.82
N GLU A 190 10.41 -12.48 21.75
CA GLU A 190 10.18 -13.78 22.34
C GLU A 190 11.18 -14.82 21.87
N ASP A 191 11.82 -14.56 20.74
CA ASP A 191 12.71 -15.56 20.18
C ASP A 191 14.16 -15.20 20.36
N ASP A 192 14.39 -14.22 21.20
CA ASP A 192 15.73 -13.77 21.48
C ASP A 192 16.39 -13.19 20.24
N LYS A 193 15.65 -12.45 19.45
CA LYS A 193 16.20 -11.76 18.31
C LYS A 193 15.91 -10.31 18.49
N PRO A 194 16.72 -9.45 17.91
CA PRO A 194 16.35 -8.04 17.84
C PRO A 194 15.05 -7.98 17.06
N HIS A 195 14.17 -7.04 17.41
CA HIS A 195 12.78 -7.08 16.95
C HIS A 195 12.67 -6.89 15.47
N ASN A 196 13.57 -6.11 14.90
CA ASN A 196 13.49 -5.80 13.47
C ASN A 196 14.81 -5.18 13.07
N PRO A 197 15.06 -5.11 11.76
CA PRO A 197 16.36 -4.66 11.27
C PRO A 197 16.59 -3.15 11.40
N MET A 198 15.57 -2.40 11.84
CA MET A 198 15.66 -0.93 11.93
C MET A 198 15.99 -0.44 13.32
N VAL A 199 15.84 -1.24 14.35
CA VAL A 199 16.39 -0.84 15.65
C VAL A 199 17.93 -1.09 15.67
N ASN A 200 18.67 -0.36 16.49
CA ASN A 200 20.12 -0.42 16.45
C ASN A 200 20.62 -1.84 16.62
N ALA A 201 20.03 -2.58 17.55
CA ALA A 201 20.41 -3.98 17.83
C ALA A 201 20.19 -4.87 16.60
N GLY A 202 19.09 -4.64 15.89
CA GLY A 202 18.81 -5.35 14.67
C GLY A 202 19.75 -5.03 13.55
N ALA A 203 20.14 -3.76 13.41
CA ALA A 203 21.00 -3.32 12.29
C ALA A 203 22.36 -3.86 12.53
N ILE A 204 22.81 -3.91 13.80
CA ILE A 204 24.10 -4.50 14.17
C ILE A 204 24.12 -6.00 13.77
N VAL A 205 23.08 -6.75 14.07
CA VAL A 205 23.01 -8.19 13.68
C VAL A 205 22.96 -8.29 12.10
N VAL A 206 22.20 -7.42 11.42
CA VAL A 206 22.23 -7.46 9.92
C VAL A 206 23.64 -7.20 9.36
N THR A 207 24.33 -6.28 9.97
CA THR A 207 25.65 -5.98 9.57
C THR A 207 26.54 -7.19 9.60
N SER A 208 26.35 -8.07 10.61
CA SER A 208 27.13 -9.27 10.78
C SER A 208 26.85 -10.39 9.78
N LEU A 209 25.88 -10.20 8.92
CA LEU A 209 25.47 -11.25 7.99
C LEU A 209 26.10 -11.03 6.66
N ILE A 210 26.40 -9.77 6.32
CA ILE A 210 26.77 -9.40 4.98
C ILE A 210 28.22 -9.85 4.70
N LYS A 211 28.37 -10.53 3.58
CA LYS A 211 29.70 -10.92 3.06
C LYS A 211 30.53 -11.52 4.18
N GLN A 212 30.04 -12.57 4.83
CA GLN A 212 30.83 -13.17 5.93
C GLN A 212 32.12 -13.81 5.45
N GLY A 213 33.10 -13.90 6.35
CA GLY A 213 34.38 -14.61 6.08
C GLY A 213 35.49 -13.81 5.39
N VAL A 214 35.20 -12.56 5.06
CA VAL A 214 36.09 -11.67 4.32
C VAL A 214 36.46 -10.54 5.32
N ASN A 215 37.60 -9.88 5.14
CA ASN A 215 38.01 -8.73 5.97
C ASN A 215 37.10 -7.46 5.70
N ASN A 216 37.12 -6.52 6.66
CA ASN A 216 36.26 -5.36 6.60
C ASN A 216 36.50 -4.53 5.33
N ALA A 217 37.71 -4.46 4.83
CA ALA A 217 38.01 -3.60 3.67
C ALA A 217 37.24 -4.12 2.45
N GLU A 218 37.19 -5.43 2.27
CA GLU A 218 36.41 -5.92 1.18
C GLU A 218 34.89 -5.98 1.41
N LYS A 219 34.46 -6.23 2.64
CA LYS A 219 33.05 -6.04 2.99
C LYS A 219 32.55 -4.64 2.69
N PHE A 220 33.34 -3.62 3.07
CA PHE A 220 32.97 -2.24 2.87
C PHE A 220 32.97 -1.91 1.35
N ASP A 221 34.00 -2.27 0.62
CA ASP A 221 34.02 -2.07 -0.82
C ASP A 221 32.79 -2.69 -1.49
N TYR A 222 32.46 -3.89 -1.08
CA TYR A 222 31.31 -4.56 -1.58
C TYR A 222 30.01 -3.72 -1.35
N VAL A 223 29.84 -3.17 -0.17
CA VAL A 223 28.63 -2.40 0.10
C VAL A 223 28.60 -1.11 -0.73
N MET A 224 29.73 -0.43 -0.77
CA MET A 224 29.97 0.73 -1.57
C MET A 224 29.65 0.51 -3.03
N GLN A 225 30.11 -0.60 -3.61
CA GLN A 225 29.75 -0.98 -4.96
C GLN A 225 28.21 -1.20 -5.10
N PHE A 226 27.59 -1.77 -4.09
CA PHE A 226 26.20 -2.04 -4.19
C PHE A 226 25.44 -0.73 -4.18
N LEU A 227 25.85 0.22 -3.33
CA LEU A 227 25.11 1.48 -3.15
C LEU A 227 25.30 2.32 -4.43
N ASN A 228 26.46 2.20 -5.06
CA ASN A 228 26.71 2.83 -6.34
C ASN A 228 25.71 2.31 -7.34
N LYS A 229 25.43 1.00 -7.38
CA LYS A 229 24.43 0.52 -8.35
C LYS A 229 23.04 1.02 -7.98
N MET A 230 22.69 1.10 -6.70
CA MET A 230 21.40 1.73 -6.29
C MET A 230 21.27 3.20 -6.71
N ALA A 231 22.38 3.97 -6.70
CA ALA A 231 22.36 5.41 -6.98
C ALA A 231 22.68 5.72 -8.48
N GLY A 232 22.75 4.71 -9.32
CA GLY A 232 23.00 4.87 -10.73
C GLY A 232 24.35 5.41 -11.02
N ASN A 233 25.32 5.07 -10.15
CA ASN A 233 26.67 5.63 -10.14
C ASN A 233 26.77 7.12 -9.75
N GLU A 234 25.74 7.67 -9.14
CA GLU A 234 25.85 9.00 -8.53
C GLU A 234 26.57 8.93 -7.18
N TYR A 235 26.71 10.09 -6.53
CA TYR A 235 27.64 10.26 -5.40
C TYR A 235 27.36 9.33 -4.23
N VAL A 236 28.34 8.47 -3.96
CA VAL A 236 28.46 7.76 -2.73
C VAL A 236 29.91 7.95 -2.23
N GLY A 237 30.05 8.61 -1.08
CA GLY A 237 31.35 8.85 -0.50
C GLY A 237 31.42 8.27 0.91
N PHE A 238 32.36 8.77 1.68
CA PHE A 238 32.61 8.23 3.01
C PHE A 238 33.21 9.35 3.83
N SER A 239 32.72 9.58 5.06
CA SER A 239 33.37 10.57 5.95
C SER A 239 34.19 9.91 7.02
N ASN A 240 35.50 9.89 6.81
CA ASN A 240 36.43 9.31 7.79
C ASN A 240 36.40 10.00 9.13
N ALA A 241 36.33 11.33 9.12
CA ALA A 241 36.18 12.09 10.37
C ALA A 241 34.98 11.60 11.19
N THR A 242 33.80 11.52 10.58
CA THR A 242 32.60 10.96 11.23
C THR A 242 32.77 9.51 11.71
N PHE A 243 33.43 8.68 10.90
CA PHE A 243 33.74 7.29 11.28
C PHE A 243 34.54 7.29 12.58
N GLN A 244 35.64 8.03 12.65
CA GLN A 244 36.52 7.98 13.83
C GLN A 244 35.79 8.45 15.09
N SER A 245 35.03 9.56 14.95
CA SER A 245 34.23 10.17 16.04
C SER A 245 33.06 9.30 16.50
N GLU A 246 32.41 8.63 15.54
CA GLU A 246 31.34 7.68 15.89
C GLU A 246 31.91 6.55 16.72
N ARG A 247 33.10 6.10 16.36
CA ARG A 247 33.73 4.97 16.99
C ARG A 247 34.20 5.32 18.40
N GLU A 248 34.82 6.49 18.57
CA GLU A 248 35.23 6.98 19.89
C GLU A 248 34.08 7.07 20.88
N SER A 249 33.01 7.75 20.50
CA SER A 249 31.84 7.95 21.37
C SER A 249 30.80 6.84 21.20
N GLY A 250 31.25 5.67 20.73
CA GLY A 250 30.39 4.53 20.48
C GLY A 250 30.07 3.56 21.61
N LYS A 251 30.50 3.84 22.83
CA LYS A 251 30.27 3.01 24.04
C LYS A 251 28.90 2.33 24.04
N ARG A 252 27.88 3.09 23.71
CA ARG A 252 26.52 2.61 23.75
C ARG A 252 26.21 1.53 22.73
N ASN A 253 26.87 1.59 21.57
CA ASN A 253 26.78 0.51 20.59
C ASN A 253 27.61 -0.69 21.01
N PHE A 254 28.77 -0.48 21.63
CA PHE A 254 29.51 -1.57 22.17
C PHE A 254 28.67 -2.28 23.24
N ALA A 255 27.97 -1.55 24.07
CA ALA A 255 27.15 -2.22 25.10
C ALA A 255 26.11 -3.13 24.47
N ILE A 256 25.52 -2.70 23.36
CA ILE A 256 24.61 -3.52 22.63
C ILE A 256 25.35 -4.79 22.09
N GLY A 257 26.55 -4.62 21.53
CA GLY A 257 27.28 -5.74 20.94
C GLY A 257 27.65 -6.81 21.98
N TYR A 258 28.02 -6.42 23.18
CA TYR A 258 28.35 -7.38 24.19
C TYR A 258 27.10 -8.12 24.65
N TYR A 259 25.98 -7.42 24.71
CA TYR A 259 24.70 -8.04 25.04
C TYR A 259 24.34 -9.05 23.96
N LEU A 260 24.38 -8.65 22.69
CA LEU A 260 24.10 -9.55 21.61
C LEU A 260 25.03 -10.79 21.58
N LYS A 261 26.29 -10.58 21.90
CA LYS A 261 27.28 -11.64 21.90
C LYS A 261 26.92 -12.69 22.92
N GLU A 262 26.70 -12.24 24.15
CA GLU A 262 26.29 -13.10 25.25
C GLU A 262 24.92 -13.80 25.03
N LYS A 263 23.98 -13.18 24.35
CA LYS A 263 22.75 -13.88 23.93
C LYS A 263 22.86 -14.78 22.62
N LYS A 264 24.00 -14.80 21.94
CA LYS A 264 24.21 -15.70 20.82
C LYS A 264 23.40 -15.32 19.62
N CYS A 265 23.27 -14.02 19.43
CA CYS A 265 22.54 -13.49 18.30
C CYS A 265 23.36 -13.36 17.05
N PHE A 266 24.70 -13.52 17.11
CA PHE A 266 25.51 -13.45 15.88
C PHE A 266 25.83 -14.81 15.30
N PRO A 267 26.06 -14.89 13.98
CA PRO A 267 26.43 -16.18 13.41
C PRO A 267 27.77 -16.60 13.95
N GLU A 268 27.99 -17.91 14.02
CA GLU A 268 29.29 -18.54 14.33
C GLU A 268 30.48 -17.81 13.72
N GLY A 269 31.51 -17.65 14.52
CA GLY A 269 32.73 -16.99 14.10
C GLY A 269 32.68 -15.48 13.91
N THR A 270 31.65 -14.79 14.42
CA THR A 270 31.60 -13.34 14.39
C THR A 270 32.65 -12.64 15.34
N ASP A 271 33.39 -11.71 14.77
CA ASP A 271 34.28 -10.81 15.44
C ASP A 271 33.46 -9.57 15.85
N MET A 272 32.96 -9.57 17.08
CA MET A 272 32.11 -8.49 17.58
C MET A 272 32.62 -7.08 17.33
N VAL A 273 33.79 -6.77 17.85
CA VAL A 273 34.44 -5.47 17.62
C VAL A 273 34.60 -5.19 16.12
N GLY A 274 34.99 -6.20 15.37
CA GLY A 274 35.02 -6.01 13.90
C GLY A 274 33.69 -5.63 13.24
N ILE A 275 32.60 -6.19 13.74
CA ILE A 275 31.26 -5.89 13.21
C ILE A 275 30.87 -4.47 13.57
N LEU A 276 31.33 -4.00 14.73
CA LEU A 276 31.04 -2.65 15.18
C LEU A 276 31.76 -1.64 14.30
N ASP A 277 32.97 -2.00 13.87
CA ASP A 277 33.76 -1.13 13.01
C ASP A 277 33.06 -0.96 11.66
N PHE A 278 32.50 -2.04 11.16
CA PHE A 278 31.78 -2.02 9.89
C PHE A 278 30.47 -1.24 10.05
N TYR A 279 29.84 -1.41 11.21
CA TYR A 279 28.58 -0.73 11.50
C TYR A 279 28.81 0.78 11.48
N PHE A 280 29.85 1.22 12.18
CA PHE A 280 30.18 2.65 12.23
C PHE A 280 30.66 3.16 10.86
N GLN A 281 31.26 2.28 10.05
CA GLN A 281 31.69 2.66 8.72
C GLN A 281 30.46 2.87 7.86
N LEU A 282 29.49 1.99 7.94
CA LEU A 282 28.28 2.12 7.14
C LEU A 282 27.51 3.39 7.46
N CYS A 283 27.38 3.74 8.73
CA CYS A 283 26.71 4.95 9.15
C CYS A 283 27.37 6.20 8.58
N SER A 284 28.65 6.09 8.29
CA SER A 284 29.50 7.21 7.96
C SER A 284 29.60 7.41 6.39
N ILE A 285 28.93 6.56 5.61
CA ILE A 285 28.86 6.61 4.18
C ILE A 285 28.07 7.88 3.78
N GLU A 286 28.63 8.64 2.85
CA GLU A 286 28.06 9.94 2.47
C GLU A 286 27.25 9.82 1.20
N VAL A 287 26.12 10.52 1.17
CA VAL A 287 25.35 10.73 -0.04
C VAL A 287 25.02 12.23 -0.20
N THR A 288 24.33 12.64 -1.26
CA THR A 288 23.69 13.95 -1.32
C THR A 288 22.20 13.69 -1.49
N CYS A 289 21.39 14.74 -1.48
CA CYS A 289 19.98 14.48 -1.67
C CYS A 289 19.68 13.85 -3.04
N GLU A 290 20.42 14.29 -4.06
CA GLU A 290 20.24 13.81 -5.42
C GLU A 290 20.61 12.36 -5.57
N SER A 291 21.82 11.99 -5.14
CA SER A 291 22.20 10.57 -5.15
C SER A 291 21.28 9.66 -4.31
N ALA A 292 20.87 10.09 -3.15
CA ALA A 292 20.05 9.25 -2.26
C ALA A 292 18.68 9.12 -2.90
N SER A 293 18.27 10.10 -3.71
CA SER A 293 16.93 10.03 -4.33
C SER A 293 16.85 8.92 -5.35
N VAL A 294 17.89 8.70 -6.14
CA VAL A 294 17.93 7.56 -7.03
C VAL A 294 17.89 6.21 -6.22
N MET A 295 18.59 6.13 -5.09
CA MET A 295 18.55 4.94 -4.25
C MET A 295 17.13 4.70 -3.80
N ALA A 296 16.46 5.74 -3.26
CA ALA A 296 15.08 5.54 -2.94
C ALA A 296 14.22 5.13 -4.17
N ALA A 297 14.56 5.62 -5.38
CA ALA A 297 13.73 5.37 -6.53
C ALA A 297 13.94 3.91 -6.95
N THR A 298 15.15 3.35 -6.72
CA THR A 298 15.37 1.94 -6.99
C THR A 298 14.47 1.09 -6.13
N LEU A 299 14.19 1.54 -4.94
CA LEU A 299 13.32 0.82 -4.07
C LEU A 299 11.86 1.00 -4.53
N ALA A 300 11.53 2.18 -5.04
CA ALA A 300 10.15 2.46 -5.58
C ALA A 300 9.80 1.69 -6.85
N ASN A 301 10.83 1.27 -7.57
CA ASN A 301 10.79 0.59 -8.89
C ASN A 301 11.21 -0.92 -8.81
N GLY A 302 10.93 -1.57 -7.67
CA GLY A 302 11.07 -3.00 -7.55
C GLY A 302 12.48 -3.53 -7.74
N GLY A 303 13.47 -2.72 -7.44
CA GLY A 303 14.84 -3.17 -7.43
C GLY A 303 15.59 -2.92 -8.69
N PHE A 304 14.93 -2.33 -9.69
CA PHE A 304 15.59 -1.77 -10.88
C PHE A 304 16.02 -0.28 -10.73
N CYS A 305 17.26 0.06 -11.05
CA CYS A 305 17.66 1.43 -10.97
C CYS A 305 17.01 2.15 -12.15
N PRO A 306 16.19 3.19 -11.90
CA PRO A 306 15.49 3.91 -12.90
C PRO A 306 16.34 4.67 -13.93
N ILE A 307 17.46 5.27 -13.54
CA ILE A 307 18.34 5.95 -14.54
C ILE A 307 19.32 5.04 -15.32
N THR A 308 19.44 3.76 -14.93
CA THR A 308 20.30 2.84 -15.69
C THR A 308 19.56 1.64 -16.25
N GLY A 309 18.48 1.19 -15.62
CA GLY A 309 17.73 0.01 -16.09
C GLY A 309 18.29 -1.30 -15.51
N GLU A 310 19.31 -1.22 -14.68
CA GLU A 310 19.92 -2.36 -14.11
C GLU A 310 19.09 -2.90 -12.95
N ARG A 311 19.06 -4.21 -12.87
CA ARG A 311 18.53 -4.98 -11.77
C ARG A 311 19.54 -4.97 -10.67
N VAL A 312 19.22 -4.34 -9.54
CA VAL A 312 20.16 -4.23 -8.39
C VAL A 312 19.76 -5.11 -7.23
N LEU A 313 18.47 -5.19 -6.94
CA LEU A 313 17.94 -5.92 -5.77
C LEU A 313 16.82 -6.79 -6.22
N SER A 314 16.65 -7.89 -5.50
CA SER A 314 15.67 -8.90 -5.85
C SER A 314 14.39 -8.37 -5.36
N PRO A 315 13.28 -8.78 -5.96
CA PRO A 315 11.91 -8.37 -5.52
C PRO A 315 11.65 -8.61 -4.03
N GLU A 316 12.06 -9.78 -3.55
CA GLU A 316 11.88 -10.15 -2.13
C GLU A 316 12.57 -9.05 -1.26
N ALA A 317 13.69 -8.54 -1.74
CA ALA A 317 14.60 -7.71 -0.92
C ALA A 317 13.93 -6.33 -0.78
N VAL A 318 13.37 -5.81 -1.88
CA VAL A 318 12.72 -4.53 -1.90
C VAL A 318 11.40 -4.63 -1.12
N ARG A 319 10.62 -5.66 -1.41
CA ARG A 319 9.33 -5.86 -0.75
C ARG A 319 9.44 -5.82 0.78
N ASN A 320 10.37 -6.60 1.32
CA ASN A 320 10.56 -6.67 2.77
C ASN A 320 11.10 -5.37 3.36
N THR A 321 12.05 -4.75 2.66
CA THR A 321 12.64 -3.53 3.11
C THR A 321 11.55 -2.46 3.27
N LEU A 322 10.73 -2.32 2.24
CA LEU A 322 9.70 -1.35 2.19
C LEU A 322 8.71 -1.69 3.30
N SER A 323 8.39 -2.98 3.46
CA SER A 323 7.50 -3.36 4.62
C SER A 323 8.01 -2.90 5.96
N LEU A 324 9.32 -2.94 6.19
CA LEU A 324 9.80 -2.69 7.58
C LEU A 324 10.05 -1.18 7.72
N MET A 325 10.27 -0.49 6.62
CA MET A 325 10.43 0.96 6.65
C MET A 325 9.05 1.51 6.98
N HIS A 326 7.98 0.90 6.47
CA HIS A 326 6.65 1.32 6.72
C HIS A 326 6.33 1.39 8.24
N SER A 327 6.64 0.31 8.97
CA SER A 327 6.28 0.25 10.39
C SER A 327 7.41 0.39 11.43
N CYS A 328 8.62 0.64 10.96
CA CYS A 328 9.82 0.81 11.88
C CYS A 328 10.88 1.85 11.48
N GLY A 329 10.65 2.63 10.46
CA GLY A 329 11.65 3.51 9.97
C GLY A 329 11.83 4.88 10.58
N MET A 330 10.95 5.31 11.44
CA MET A 330 10.98 6.68 11.93
C MET A 330 11.12 6.74 13.46
N TYR A 331 11.84 5.77 14.00
CA TYR A 331 11.99 5.58 15.42
C TYR A 331 10.68 5.50 16.17
N ASP A 332 10.56 6.20 17.31
CA ASP A 332 9.34 6.26 18.10
C ASP A 332 8.13 6.95 17.41
N PHE A 333 8.37 7.71 16.34
CA PHE A 333 7.31 8.28 15.53
C PHE A 333 6.81 7.28 14.48
N SER A 334 7.39 6.09 14.42
CA SER A 334 7.02 5.11 13.35
C SER A 334 5.51 4.87 13.16
N GLY A 335 4.82 4.52 14.25
CA GLY A 335 3.43 4.14 14.25
C GLY A 335 2.59 5.34 13.81
N GLN A 336 3.00 6.55 14.20
CA GLN A 336 2.17 7.71 13.89
C GLN A 336 2.39 8.10 12.43
N PHE A 337 3.63 7.96 11.99
CA PHE A 337 4.00 8.13 10.60
C PHE A 337 3.29 7.14 9.63
N ALA A 338 3.22 5.85 9.98
CA ALA A 338 2.51 4.86 9.18
C ALA A 338 1.07 5.30 9.06
N PHE A 339 0.50 5.69 10.17
CA PHE A 339 -0.88 6.01 10.24
C PHE A 339 -1.21 7.31 9.47
N HIS A 340 -0.47 8.39 9.67
CA HIS A 340 -0.80 9.68 9.04
C HIS A 340 -0.22 9.90 7.66
N VAL A 341 0.99 9.45 7.43
CA VAL A 341 1.65 9.66 6.13
C VAL A 341 1.54 8.45 5.22
N GLY A 342 1.74 7.26 5.78
CA GLY A 342 1.45 6.08 5.07
C GLY A 342 2.32 5.72 3.91
N LEU A 343 3.60 6.01 4.06
CA LEU A 343 4.62 5.77 3.09
C LEU A 343 5.85 5.14 3.82
N PRO A 344 6.56 4.24 3.17
CA PRO A 344 7.83 3.80 3.74
C PRO A 344 8.88 4.90 3.76
N ALA A 345 9.50 5.11 4.92
CA ALA A 345 10.51 6.15 5.08
C ALA A 345 11.49 5.67 6.10
N LYS A 346 12.71 6.15 6.00
CA LYS A 346 13.72 5.93 7.04
C LYS A 346 14.48 7.23 7.39
N SER A 347 14.55 7.52 8.67
CA SER A 347 15.22 8.77 9.08
C SER A 347 16.56 8.45 9.64
N GLY A 348 17.44 9.46 9.60
CA GLY A 348 18.81 9.45 10.17
C GLY A 348 19.14 10.67 11.04
N VAL A 349 20.12 10.51 11.89
CA VAL A 349 20.49 11.53 12.85
C VAL A 349 21.18 12.73 12.21
N ALA A 350 21.61 12.65 10.96
CA ALA A 350 22.17 13.76 10.25
C ALA A 350 21.07 14.65 9.63
N GLY A 351 19.81 14.27 9.69
CA GLY A 351 18.72 15.06 9.11
C GLY A 351 18.09 14.48 7.88
N GLY A 352 18.54 13.30 7.44
CA GLY A 352 17.99 12.75 6.23
C GLY A 352 16.65 12.05 6.43
N ILE A 353 15.75 12.13 5.45
CA ILE A 353 14.61 11.17 5.43
C ILE A 353 14.57 10.56 4.02
N LEU A 354 14.84 9.25 3.94
CA LEU A 354 14.79 8.55 2.72
C LEU A 354 13.34 8.15 2.59
N LEU A 355 12.71 8.54 1.50
CA LEU A 355 11.27 8.33 1.35
C LEU A 355 10.95 7.60 0.10
N VAL A 356 10.04 6.63 0.11
CA VAL A 356 9.73 5.89 -1.08
C VAL A 356 8.23 6.09 -1.34
N VAL A 357 7.80 6.59 -2.50
CA VAL A 357 6.42 6.38 -2.93
C VAL A 357 6.38 5.22 -3.96
N PRO A 358 5.92 4.02 -3.50
CA PRO A 358 6.13 2.86 -4.38
C PRO A 358 5.35 3.00 -5.71
N ASN A 359 5.96 2.44 -6.77
CA ASN A 359 5.53 2.60 -8.13
C ASN A 359 5.54 4.00 -8.66
N VAL A 360 6.01 5.00 -7.89
CA VAL A 360 5.93 6.45 -8.34
C VAL A 360 7.30 7.15 -8.37
N MET A 361 7.95 7.18 -7.21
CA MET A 361 9.19 7.89 -6.98
C MET A 361 9.89 7.58 -5.68
N GLY A 362 11.18 7.86 -5.68
CA GLY A 362 11.95 8.09 -4.48
C GLY A 362 12.28 9.56 -4.24
N MET A 363 12.52 9.83 -2.98
CA MET A 363 13.00 11.15 -2.51
C MET A 363 14.03 11.04 -1.41
N MET A 364 14.86 12.06 -1.31
CA MET A 364 15.61 12.30 -0.10
C MET A 364 15.38 13.72 0.35
N CYS A 365 14.98 13.87 1.61
CA CYS A 365 14.74 15.17 2.32
C CYS A 365 15.84 15.28 3.36
N TRP A 366 16.46 16.43 3.41
CA TRP A 366 17.55 16.69 4.32
C TRP A 366 17.48 18.07 4.99
N SER A 367 17.37 18.07 6.32
CA SER A 367 17.52 19.32 7.09
C SER A 367 18.04 18.91 8.45
N PRO A 368 19.24 19.41 8.82
CA PRO A 368 19.92 18.94 10.06
C PRO A 368 19.18 19.02 11.42
N PRO A 369 18.36 20.05 11.67
CA PRO A 369 17.66 20.10 12.98
C PRO A 369 16.59 19.01 13.12
N LEU A 370 16.69 18.27 14.20
CA LEU A 370 15.81 17.20 14.50
C LEU A 370 14.87 17.58 15.61
N ASP A 371 13.81 16.81 15.73
CA ASP A 371 12.85 16.99 16.77
C ASP A 371 13.21 16.10 17.94
N LYS A 372 12.32 15.98 18.89
CA LYS A 372 12.55 15.17 20.08
C LYS A 372 12.70 13.67 19.82
N MET A 373 12.13 13.16 18.73
CA MET A 373 12.25 11.75 18.41
C MET A 373 13.45 11.41 17.55
N GLY A 374 14.19 12.41 17.12
CA GLY A 374 15.36 12.18 16.28
C GLY A 374 15.15 12.36 14.79
N ASN A 375 14.00 12.86 14.40
CA ASN A 375 13.64 13.10 12.98
C ASN A 375 13.64 14.57 12.53
N SER A 376 14.18 14.82 11.34
CA SER A 376 14.29 16.13 10.76
C SER A 376 12.98 16.88 10.83
N VAL A 377 12.95 18.01 11.52
CA VAL A 377 11.73 18.85 11.64
C VAL A 377 11.16 19.21 10.29
N LYS A 378 11.96 19.81 9.40
CA LYS A 378 11.43 20.17 8.05
C LYS A 378 11.01 18.94 7.24
N GLY A 379 11.75 17.85 7.41
CA GLY A 379 11.49 16.60 6.68
C GLY A 379 10.13 16.01 7.03
N ILE A 380 9.84 15.91 8.33
CA ILE A 380 8.57 15.40 8.81
C ILE A 380 7.47 16.31 8.25
N HIS A 381 7.63 17.63 8.34
CA HIS A 381 6.58 18.57 7.87
C HIS A 381 6.35 18.36 6.39
N PHE A 382 7.42 18.35 5.61
CA PHE A 382 7.29 18.13 4.18
C PHE A 382 6.50 16.83 3.89
N CYS A 383 6.82 15.73 4.58
CA CYS A 383 6.11 14.46 4.35
C CYS A 383 4.62 14.55 4.64
N HIS A 384 4.21 15.17 5.72
CA HIS A 384 2.78 15.34 5.96
C HIS A 384 2.09 16.11 4.89
N ASP A 385 2.72 17.20 4.44
CA ASP A 385 2.14 18.08 3.44
C ASP A 385 2.04 17.35 2.13
N LEU A 386 3.03 16.55 1.83
CA LEU A 386 3.00 15.82 0.56
C LEU A 386 1.72 14.95 0.43
N VAL A 387 1.44 14.18 1.49
CA VAL A 387 0.29 13.29 1.51
C VAL A 387 -1.02 14.06 1.74
N SER A 388 -0.93 15.26 2.33
CA SER A 388 -2.08 16.15 2.38
C SER A 388 -2.50 16.62 1.00
N LEU A 389 -1.53 17.02 0.21
CA LEU A 389 -1.71 17.43 -1.13
C LEU A 389 -2.08 16.26 -2.05
N CYS A 390 -1.37 15.14 -1.96
CA CYS A 390 -1.44 14.07 -2.98
C CYS A 390 -1.89 12.71 -2.43
N ASN A 391 -2.59 11.93 -3.26
CA ASN A 391 -3.11 10.60 -2.92
C ASN A 391 -2.06 9.52 -2.96
N PHE A 392 -1.00 9.73 -2.19
CA PHE A 392 0.14 8.85 -2.09
C PHE A 392 0.14 7.95 -0.84
N HIS A 393 -0.75 8.21 0.12
CA HIS A 393 -0.86 7.41 1.28
C HIS A 393 -1.11 5.99 0.80
N ASN A 394 -0.46 5.03 1.42
CA ASN A 394 -0.78 3.63 1.20
C ASN A 394 -2.23 3.25 1.01
N TYR A 395 -3.09 3.82 1.86
CA TYR A 395 -4.47 3.49 1.86
C TYR A 395 -5.28 4.64 1.36
N ASP A 396 -4.70 5.56 0.60
CA ASP A 396 -5.60 6.44 -0.23
C ASP A 396 -6.20 5.58 -1.31
N ASN A 397 -7.32 5.94 -1.86
CA ASN A 397 -7.85 5.27 -3.03
C ASN A 397 -7.43 5.96 -4.34
N LEU A 398 -7.21 5.14 -5.36
CA LEU A 398 -6.79 5.63 -6.65
C LEU A 398 -7.92 6.19 -7.52
N ARG A 399 -9.17 5.87 -7.22
CA ARG A 399 -10.28 6.37 -8.00
C ARG A 399 -11.05 7.47 -7.29
N HIS A 400 -11.24 7.32 -6.00
CA HIS A 400 -11.97 8.29 -5.21
C HIS A 400 -11.11 8.88 -4.14
N PHE A 401 -10.59 10.07 -4.37
CA PHE A 401 -9.71 10.66 -3.39
C PHE A 401 -10.02 12.08 -2.90
N ALA A 402 -11.28 12.49 -2.93
CA ALA A 402 -11.64 13.80 -2.30
C ALA A 402 -10.89 15.02 -2.96
N LYS A 403 -10.17 15.82 -2.16
CA LYS A 403 -9.53 17.02 -2.72
C LYS A 403 -8.07 16.80 -3.12
N LYS A 404 -7.61 15.58 -3.08
CA LYS A 404 -6.23 15.44 -3.22
C LYS A 404 -5.97 15.50 -4.72
N LEU A 405 -4.74 15.85 -5.06
CA LEU A 405 -4.25 15.82 -6.40
C LEU A 405 -3.65 14.42 -6.67
N ASP A 406 -3.91 13.87 -7.85
CA ASP A 406 -3.21 12.69 -8.32
C ASP A 406 -2.19 13.06 -9.43
N PRO A 407 -0.91 13.14 -9.09
CA PRO A 407 0.10 13.46 -10.10
C PRO A 407 0.30 12.40 -11.19
N ARG A 408 -0.35 11.25 -11.06
CA ARG A 408 -0.21 10.18 -12.05
C ARG A 408 -1.09 10.40 -13.27
N ARG A 409 -2.01 11.36 -13.19
CA ARG A 409 -2.91 11.66 -14.29
C ARG A 409 -2.65 13.07 -14.83
N GLU A 410 -3.14 13.33 -16.03
CA GLU A 410 -2.98 14.64 -16.67
C GLU A 410 -4.14 15.56 -16.34
N LEU B 1 -19.95 8.46 -36.25
CA LEU B 1 -20.63 9.05 -35.11
C LEU B 1 -21.63 8.10 -34.49
N PRO B 2 -21.25 6.82 -34.36
CA PRO B 2 -22.12 5.79 -33.78
C PRO B 2 -22.24 5.94 -32.27
N SER B 3 -23.47 5.80 -31.75
CA SER B 3 -23.71 5.93 -30.32
C SER B 3 -23.20 4.71 -29.57
N LEU B 4 -22.92 4.89 -28.29
CA LEU B 4 -22.43 3.81 -27.45
C LEU B 4 -23.35 2.62 -27.53
N GLU B 5 -24.66 2.84 -27.59
CA GLU B 5 -25.53 1.66 -27.54
C GLU B 5 -25.60 0.94 -28.88
N ASP B 6 -25.28 1.64 -29.96
CA ASP B 6 -25.22 1.04 -31.28
C ASP B 6 -24.00 0.12 -31.26
N LEU B 7 -22.88 0.63 -30.72
CA LEU B 7 -21.67 -0.16 -30.61
C LEU B 7 -21.90 -1.46 -29.79
N LEU B 8 -22.59 -1.35 -28.66
CA LEU B 8 -22.80 -2.52 -27.85
C LEU B 8 -23.65 -3.52 -28.62
N PHE B 9 -24.65 -3.00 -29.35
CA PHE B 9 -25.49 -3.86 -30.08
C PHE B 9 -24.69 -4.72 -31.10
N TYR B 10 -23.79 -4.08 -31.86
CA TYR B 10 -23.06 -4.75 -32.92
C TYR B 10 -22.05 -5.77 -32.32
N THR B 11 -21.42 -5.44 -31.22
CA THR B 11 -20.51 -6.44 -30.58
C THR B 11 -21.24 -7.74 -30.10
N ILE B 12 -22.44 -7.62 -29.59
CA ILE B 12 -23.10 -8.79 -29.06
C ILE B 12 -23.76 -9.53 -30.19
N ALA B 13 -24.27 -8.75 -31.15
CA ALA B 13 -25.03 -9.26 -32.26
C ALA B 13 -24.28 -10.19 -33.19
N GLU B 14 -23.00 -9.92 -33.40
CA GLU B 14 -22.15 -10.72 -34.26
C GLU B 14 -22.67 -10.90 -35.68
N GLY B 15 -23.23 -9.83 -36.25
CA GLY B 15 -23.72 -9.88 -37.60
C GLY B 15 -25.17 -10.25 -37.80
N GLN B 16 -25.89 -10.54 -36.72
CA GLN B 16 -27.30 -10.87 -36.80
C GLN B 16 -28.13 -9.60 -36.64
N GLU B 17 -29.39 -9.65 -37.04
CA GLU B 17 -30.23 -8.47 -36.94
C GLU B 17 -30.88 -8.32 -35.59
N LYS B 18 -30.99 -9.41 -34.86
CA LYS B 18 -31.63 -9.35 -33.54
C LYS B 18 -30.73 -10.17 -32.56
N ILE B 19 -30.78 -9.76 -31.30
CA ILE B 19 -30.03 -10.36 -30.21
C ILE B 19 -31.03 -11.16 -29.38
N PRO B 20 -30.80 -12.48 -29.25
CA PRO B 20 -31.54 -13.23 -28.26
C PRO B 20 -31.21 -12.71 -26.87
N VAL B 21 -32.21 -12.46 -26.03
CA VAL B 21 -31.99 -11.92 -24.70
C VAL B 21 -31.04 -12.82 -23.87
N HIS B 22 -31.21 -14.15 -23.93
CA HIS B 22 -30.35 -15.10 -23.24
C HIS B 22 -28.89 -14.93 -23.54
N LYS B 23 -28.58 -14.51 -24.75
CA LYS B 23 -27.17 -14.35 -25.16
C LYS B 23 -26.62 -13.08 -24.58
N PHE B 24 -27.42 -12.00 -24.57
CA PHE B 24 -26.97 -10.77 -23.86
C PHE B 24 -26.62 -11.06 -22.36
N ILE B 25 -27.52 -11.78 -21.69
CA ILE B 25 -27.41 -12.12 -20.27
C ILE B 25 -26.18 -13.01 -19.94
N THR B 26 -26.09 -14.14 -20.64
CA THR B 26 -24.92 -14.95 -20.65
C THR B 26 -23.62 -14.15 -20.80
N ALA B 27 -23.53 -13.26 -21.81
CA ALA B 27 -22.38 -12.40 -21.99
C ALA B 27 -22.12 -11.49 -20.80
N LEU B 28 -23.19 -10.86 -20.28
CA LEU B 28 -23.11 -10.05 -19.08
C LEU B 28 -22.59 -10.81 -17.85
N LYS B 29 -23.13 -11.96 -17.53
CA LYS B 29 -22.57 -12.75 -16.46
C LYS B 29 -21.05 -13.03 -16.57
N SER B 30 -20.53 -13.08 -17.79
CA SER B 30 -19.12 -13.49 -18.01
C SER B 30 -18.13 -12.44 -17.54
N THR B 31 -18.59 -11.19 -17.47
CA THR B 31 -17.90 -10.06 -16.92
C THR B 31 -17.78 -10.07 -15.41
N GLY B 32 -18.60 -10.91 -14.75
CA GLY B 32 -18.59 -11.02 -13.29
C GLY B 32 -19.74 -10.23 -12.64
N LEU B 33 -20.38 -9.34 -13.41
CA LEU B 33 -21.54 -8.60 -12.96
C LEU B 33 -22.75 -9.53 -12.80
N ARG B 34 -23.54 -9.37 -11.73
CA ARG B 34 -24.82 -10.14 -11.65
C ARG B 34 -25.97 -9.45 -12.23
N THR B 35 -26.91 -10.19 -12.81
CA THR B 35 -28.12 -9.57 -13.37
C THR B 35 -28.92 -8.86 -12.27
N SER B 36 -28.72 -9.32 -11.03
CA SER B 36 -29.38 -8.71 -9.88
C SER B 36 -28.69 -7.46 -9.41
N ASP B 37 -27.64 -6.99 -10.08
CA ASP B 37 -26.88 -5.80 -9.62
C ASP B 37 -27.80 -4.53 -9.43
N PRO B 38 -27.83 -3.84 -8.24
CA PRO B 38 -28.76 -2.73 -8.17
C PRO B 38 -28.57 -1.66 -9.26
N ARG B 39 -27.39 -1.46 -9.78
CA ARG B 39 -27.15 -0.40 -10.70
C ARG B 39 -27.76 -0.72 -12.08
N LEU B 40 -28.14 -1.97 -12.31
CA LEU B 40 -28.65 -2.46 -13.59
C LEU B 40 -30.19 -2.67 -13.57
N LYS B 41 -30.81 -2.43 -12.44
CA LYS B 41 -32.24 -2.65 -12.26
C LYS B 41 -33.08 -2.10 -13.42
N GLU B 42 -32.83 -0.86 -13.78
CA GLU B 42 -33.54 -0.22 -14.88
C GLU B 42 -33.41 -0.97 -16.22
N CYS B 43 -32.22 -1.47 -16.50
CA CYS B 43 -31.99 -2.28 -17.68
C CYS B 43 -32.75 -3.59 -17.58
N MET B 44 -32.66 -4.24 -16.44
CA MET B 44 -33.42 -5.45 -16.23
C MET B 44 -34.94 -5.25 -16.28
N ASP B 45 -35.46 -4.18 -15.66
CA ASP B 45 -36.88 -3.79 -15.75
C ASP B 45 -37.31 -3.58 -17.20
N MET B 46 -36.50 -2.85 -17.94
CA MET B 46 -36.80 -2.61 -19.34
C MET B 46 -36.79 -3.88 -20.18
N LEU B 47 -35.90 -4.80 -19.89
CA LEU B 47 -35.85 -6.03 -20.65
C LEU B 47 -37.10 -6.84 -20.44
N ARG B 48 -37.53 -6.95 -19.20
CA ARG B 48 -38.68 -7.79 -18.80
C ARG B 48 -39.96 -7.31 -19.50
N LEU B 49 -40.23 -6.03 -19.32
CA LEU B 49 -41.45 -5.34 -19.80
C LEU B 49 -41.48 -5.31 -21.31
N THR B 50 -40.32 -5.04 -21.86
CA THR B 50 -40.22 -4.89 -23.29
C THR B 50 -40.29 -6.24 -23.97
N LEU B 51 -39.74 -7.27 -23.38
CA LEU B 51 -39.88 -8.61 -23.97
C LEU B 51 -41.31 -9.15 -23.90
N GLN B 52 -42.16 -8.72 -22.93
CA GLN B 52 -43.58 -9.10 -22.90
CA GLN B 52 -43.55 -9.18 -22.96
C GLN B 52 -44.34 -8.61 -24.14
N THR B 53 -43.88 -7.54 -24.78
CA THR B 53 -44.59 -6.99 -26.00
C THR B 53 -44.16 -7.73 -27.28
N THR B 54 -43.20 -8.62 -27.15
CA THR B 54 -42.57 -9.26 -28.32
C THR B 54 -43.37 -10.54 -28.78
N SER B 55 -43.28 -10.88 -30.04
CA SER B 55 -43.95 -12.06 -30.54
C SER B 55 -43.38 -13.33 -29.92
N ASP B 56 -42.06 -13.38 -29.77
CA ASP B 56 -41.42 -14.58 -29.23
C ASP B 56 -40.86 -14.47 -27.80
N GLY B 57 -40.77 -13.25 -27.27
CA GLY B 57 -40.25 -13.08 -25.94
C GLY B 57 -38.77 -13.41 -25.80
N VAL B 58 -38.08 -13.47 -26.93
CA VAL B 58 -36.61 -13.78 -26.95
C VAL B 58 -35.75 -12.66 -27.64
N MET B 59 -36.15 -12.25 -28.83
CA MET B 59 -35.36 -11.48 -29.79
C MET B 59 -35.53 -9.97 -29.59
N LEU B 60 -34.45 -9.24 -29.48
CA LEU B 60 -34.50 -7.80 -29.32
C LEU B 60 -33.78 -7.22 -30.54
N ASP B 61 -34.51 -6.51 -31.38
CA ASP B 61 -33.89 -5.81 -32.48
C ASP B 61 -33.16 -4.60 -31.92
N LYS B 62 -32.38 -3.95 -32.77
CA LYS B 62 -31.56 -2.85 -32.35
C LYS B 62 -32.27 -1.83 -31.49
N ASP B 63 -33.36 -1.29 -31.99
CA ASP B 63 -33.98 -0.16 -31.33
C ASP B 63 -34.52 -0.51 -29.96
N LEU B 64 -35.09 -1.69 -29.85
CA LEU B 64 -35.53 -2.20 -28.56
C LEU B 64 -34.36 -2.39 -27.60
N PHE B 65 -33.30 -2.97 -28.10
CA PHE B 65 -32.08 -3.26 -27.32
C PHE B 65 -31.46 -1.95 -26.85
N LYS B 66 -31.18 -1.09 -27.80
CA LYS B 66 -30.74 0.32 -27.59
C LYS B 66 -31.60 1.03 -26.52
N LYS B 67 -32.90 0.80 -26.52
CA LYS B 67 -33.78 1.39 -25.48
C LYS B 67 -33.55 0.82 -24.03
N CYS B 68 -33.42 -0.50 -23.90
CA CYS B 68 -33.22 -1.20 -22.62
C CYS B 68 -31.89 -0.97 -21.94
N VAL B 69 -30.94 -0.47 -22.68
CA VAL B 69 -29.53 -0.52 -22.32
C VAL B 69 -29.01 0.92 -22.10
N GLN B 70 -29.69 1.87 -22.70
CA GLN B 70 -29.40 3.29 -22.60
C GLN B 70 -29.08 3.81 -21.22
N SER B 71 -29.89 3.47 -20.24
CA SER B 71 -29.77 4.13 -18.96
C SER B 71 -28.57 3.62 -18.18
N ASN B 72 -28.07 2.43 -18.54
CA ASN B 72 -26.85 1.90 -17.94
C ASN B 72 -25.66 1.72 -18.90
N ILE B 73 -25.61 2.50 -20.00
CA ILE B 73 -24.76 2.17 -21.15
C ILE B 73 -23.23 2.22 -20.91
N VAL B 74 -22.80 3.20 -20.13
CA VAL B 74 -21.38 3.33 -19.75
C VAL B 74 -20.98 2.13 -18.88
N LEU B 75 -21.78 1.81 -17.88
CA LEU B 75 -21.43 0.68 -17.02
C LEU B 75 -21.42 -0.59 -17.88
N LEU B 76 -22.44 -0.81 -18.69
CA LEU B 76 -22.54 -2.02 -19.52
C LEU B 76 -21.33 -2.10 -20.47
N THR B 77 -20.91 -0.96 -20.99
CA THR B 77 -19.81 -0.93 -21.95
C THR B 77 -18.45 -1.22 -21.37
N GLN B 78 -18.13 -0.56 -20.24
CA GLN B 78 -16.98 -1.00 -19.37
C GLN B 78 -16.99 -2.48 -19.17
N ALA B 79 -18.17 -3.04 -18.84
CA ALA B 79 -18.27 -4.46 -18.51
C ALA B 79 -17.85 -5.34 -19.73
N PHE B 80 -18.48 -5.14 -20.89
CA PHE B 80 -18.26 -5.99 -22.13
C PHE B 80 -16.95 -5.79 -22.85
N ARG B 81 -16.47 -4.54 -22.84
CA ARG B 81 -15.19 -4.17 -23.38
C ARG B 81 -13.97 -4.27 -22.39
N ARG B 82 -14.13 -5.02 -21.31
CA ARG B 82 -13.02 -5.46 -20.51
C ARG B 82 -12.28 -4.34 -19.85
N LYS B 83 -13.01 -3.29 -19.41
CA LYS B 83 -12.42 -2.10 -18.79
C LYS B 83 -12.43 -2.20 -17.25
N PHE B 84 -13.06 -3.22 -16.67
CA PHE B 84 -13.06 -3.36 -15.18
C PHE B 84 -11.67 -3.70 -14.60
N VAL B 85 -11.53 -3.47 -13.31
CA VAL B 85 -10.27 -3.53 -12.65
C VAL B 85 -9.59 -4.93 -12.91
N ILE B 86 -10.34 -6.01 -12.96
CA ILE B 86 -9.88 -7.27 -13.45
C ILE B 86 -10.50 -7.51 -14.82
N PRO B 87 -9.73 -7.32 -15.90
CA PRO B 87 -10.43 -7.40 -17.22
C PRO B 87 -10.86 -8.84 -17.63
N ASP B 88 -10.12 -9.87 -17.17
CA ASP B 88 -10.42 -11.29 -17.47
C ASP B 88 -10.87 -11.98 -16.23
N PHE B 89 -12.13 -11.74 -15.86
CA PHE B 89 -12.63 -12.22 -14.61
C PHE B 89 -12.78 -13.73 -14.61
N MET B 90 -13.19 -14.31 -15.71
CA MET B 90 -13.38 -15.80 -15.70
C MET B 90 -12.05 -16.50 -15.42
N SER B 91 -10.98 -16.03 -16.02
CA SER B 91 -9.65 -16.53 -15.70
C SER B 91 -9.31 -16.41 -14.23
N PHE B 92 -9.53 -15.22 -13.69
CA PHE B 92 -9.25 -14.93 -12.31
C PHE B 92 -9.98 -15.84 -11.35
N THR B 93 -11.27 -16.07 -11.58
CA THR B 93 -12.08 -16.86 -10.67
C THR B 93 -11.67 -18.33 -10.67
N SER B 94 -11.03 -18.71 -11.77
CA SER B 94 -10.49 -20.05 -11.91
C SER B 94 -9.32 -20.14 -10.93
N HIS B 95 -8.50 -19.10 -10.88
CA HIS B 95 -7.37 -19.08 -9.94
C HIS B 95 -7.81 -19.08 -8.52
N ILE B 96 -8.79 -18.26 -8.18
CA ILE B 96 -9.42 -18.28 -6.84
C ILE B 96 -9.95 -19.68 -6.48
N ASP B 97 -10.60 -20.34 -7.46
CA ASP B 97 -11.09 -21.73 -7.25
C ASP B 97 -9.96 -22.73 -6.82
N GLU B 98 -8.79 -22.61 -7.43
CA GLU B 98 -7.65 -23.47 -7.17
C GLU B 98 -7.03 -23.21 -5.81
N LEU B 99 -6.90 -21.94 -5.47
CA LEU B 99 -6.50 -21.54 -4.12
C LEU B 99 -7.52 -22.02 -3.06
N TYR B 100 -8.81 -21.94 -3.36
CA TYR B 100 -9.81 -22.48 -2.42
C TYR B 100 -9.64 -23.97 -2.20
N GLU B 101 -9.39 -24.74 -3.25
CA GLU B 101 -9.27 -26.19 -3.14
C GLU B 101 -8.04 -26.54 -2.33
N SER B 102 -7.02 -25.71 -2.46
CA SER B 102 -5.74 -25.99 -1.91
C SER B 102 -5.90 -25.80 -0.40
N ALA B 103 -6.48 -24.67 -0.04
CA ALA B 103 -6.79 -24.35 1.36
C ALA B 103 -7.69 -25.40 2.00
N LYS B 104 -8.65 -25.86 1.19
CA LYS B 104 -9.56 -26.92 1.61
C LYS B 104 -8.85 -28.15 2.22
N LYS B 105 -7.58 -28.44 1.87
CA LYS B 105 -6.90 -29.67 2.37
C LYS B 105 -6.37 -29.52 3.78
N GLN B 106 -6.32 -28.29 4.24
CA GLN B 106 -5.86 -28.00 5.58
C GLN B 106 -7.01 -28.18 6.55
N SER B 107 -7.02 -29.31 7.23
CA SER B 107 -8.12 -29.65 8.15
C SER B 107 -7.78 -29.40 9.61
N GLY B 108 -6.63 -28.80 9.89
CA GLY B 108 -6.22 -28.51 11.27
C GLY B 108 -7.02 -27.38 11.91
N GLY B 109 -6.77 -27.15 13.17
CA GLY B 109 -7.45 -26.13 13.91
C GLY B 109 -8.56 -26.73 14.73
N LYS B 110 -9.12 -25.86 15.53
CA LYS B 110 -10.17 -26.21 16.44
C LYS B 110 -11.19 -25.10 16.54
N VAL B 111 -12.43 -25.48 16.24
CA VAL B 111 -13.60 -24.65 16.32
C VAL B 111 -13.71 -24.00 17.70
N ALA B 112 -14.15 -22.76 17.75
CA ALA B 112 -14.24 -22.07 19.02
C ALA B 112 -15.38 -22.63 19.85
N ASP B 113 -15.17 -22.78 21.14
CA ASP B 113 -16.20 -23.36 21.99
C ASP B 113 -16.49 -22.58 23.26
N TYR B 114 -16.03 -21.33 23.32
CA TYR B 114 -16.26 -20.52 24.51
C TYR B 114 -17.74 -20.25 24.74
N ILE B 115 -18.53 -20.49 23.70
CA ILE B 115 -19.98 -20.51 23.77
C ILE B 115 -20.42 -21.61 22.81
N PRO B 116 -21.64 -22.10 22.97
CA PRO B 116 -22.05 -23.28 22.23
C PRO B 116 -22.54 -23.02 20.80
N GLN B 117 -22.90 -21.79 20.47
CA GLN B 117 -23.27 -21.46 19.10
C GLN B 117 -22.09 -21.74 18.19
N LEU B 118 -20.92 -21.31 18.64
CA LEU B 118 -19.70 -21.51 17.89
C LEU B 118 -19.33 -22.99 17.85
N ALA B 119 -19.38 -23.68 18.98
CA ALA B 119 -19.05 -25.10 19.01
C ALA B 119 -19.76 -25.90 17.90
N LYS B 120 -20.98 -25.47 17.54
CA LYS B 120 -21.91 -26.27 16.73
C LYS B 120 -21.53 -26.32 15.24
N PHE B 121 -20.76 -25.36 14.77
CA PHE B 121 -20.45 -25.30 13.33
C PHE B 121 -19.50 -26.43 12.92
N SER B 122 -19.83 -27.10 11.82
CA SER B 122 -18.99 -28.16 11.31
C SER B 122 -17.57 -27.63 10.98
N PRO B 123 -16.53 -28.41 11.30
CA PRO B 123 -15.16 -28.05 10.92
C PRO B 123 -14.89 -27.84 9.43
N ASP B 124 -15.67 -28.46 8.56
CA ASP B 124 -15.40 -28.46 7.12
C ASP B 124 -16.17 -27.40 6.33
N LEU B 125 -16.95 -26.57 6.99
CA LEU B 125 -17.55 -25.40 6.31
C LEU B 125 -16.38 -24.52 5.90
N TRP B 126 -16.37 -24.13 4.63
CA TRP B 126 -15.29 -23.35 4.02
C TRP B 126 -15.89 -22.67 2.80
N GLY B 127 -15.92 -21.35 2.81
CA GLY B 127 -16.30 -20.56 1.65
C GLY B 127 -15.45 -19.30 1.49
N VAL B 128 -15.39 -18.81 0.26
CA VAL B 128 -14.68 -17.64 -0.15
C VAL B 128 -15.54 -16.82 -1.15
N SER B 129 -15.81 -15.54 -0.84
CA SER B 129 -16.48 -14.63 -1.80
C SER B 129 -15.59 -13.49 -2.11
N VAL B 130 -15.67 -13.06 -3.36
CA VAL B 130 -14.96 -11.92 -3.88
C VAL B 130 -15.94 -10.93 -4.46
N CYS B 131 -15.69 -9.65 -4.19
CA CYS B 131 -16.34 -8.56 -4.88
C CYS B 131 -15.32 -7.47 -5.30
N THR B 132 -15.25 -7.13 -6.58
CA THR B 132 -14.25 -6.21 -7.05
C THR B 132 -14.79 -4.78 -6.86
N VAL B 133 -13.93 -3.80 -6.97
CA VAL B 133 -14.37 -2.45 -6.81
C VAL B 133 -15.33 -2.01 -7.94
N ASP B 134 -15.52 -2.86 -8.93
CA ASP B 134 -16.47 -2.65 -10.00
C ASP B 134 -17.71 -3.54 -9.83
N GLY B 135 -17.74 -4.36 -8.75
CA GLY B 135 -18.86 -5.17 -8.48
C GLY B 135 -18.88 -6.50 -9.20
N GLN B 136 -17.77 -6.89 -9.79
CA GLN B 136 -17.62 -8.29 -10.26
C GLN B 136 -17.62 -9.21 -9.04
N ARG B 137 -18.45 -10.25 -9.08
CA ARG B 137 -18.69 -11.15 -7.98
C ARG B 137 -18.32 -12.56 -8.34
N HIS B 138 -17.79 -13.28 -7.34
CA HIS B 138 -17.55 -14.70 -7.45
C HIS B 138 -17.55 -15.36 -6.10
N SER B 139 -18.11 -16.56 -6.01
CA SER B 139 -18.15 -17.33 -4.76
C SER B 139 -17.78 -18.77 -4.95
N ILE B 140 -17.22 -19.43 -3.92
CA ILE B 140 -17.06 -20.89 -3.92
C ILE B 140 -17.11 -21.41 -2.48
N GLY B 141 -17.71 -22.59 -2.32
CA GLY B 141 -18.00 -23.18 -1.05
C GLY B 141 -19.27 -22.64 -0.40
N ASP B 142 -19.24 -22.76 0.92
CA ASP B 142 -20.30 -22.32 1.81
C ASP B 142 -20.44 -20.77 1.99
N THR B 143 -20.91 -20.06 0.93
CA THR B 143 -20.92 -18.62 0.96
C THR B 143 -22.26 -17.95 1.29
N LYS B 144 -23.30 -18.77 1.45
CA LYS B 144 -24.63 -18.30 1.79
C LYS B 144 -25.10 -18.75 3.18
N VAL B 145 -24.17 -19.27 3.98
CA VAL B 145 -24.46 -19.77 5.33
C VAL B 145 -24.20 -18.64 6.34
N PRO B 146 -25.21 -18.23 7.13
CA PRO B 146 -24.92 -17.11 8.01
C PRO B 146 -23.91 -17.49 9.13
N PHE B 147 -23.07 -16.53 9.55
CA PHE B 147 -22.22 -16.66 10.75
C PHE B 147 -21.97 -15.31 11.39
N CYS B 148 -21.46 -15.31 12.62
CA CYS B 148 -21.27 -14.06 13.32
C CYS B 148 -19.98 -13.35 12.94
N LEU B 149 -20.07 -12.03 12.83
CA LEU B 149 -18.88 -11.18 12.65
C LEU B 149 -17.87 -11.31 13.79
N GLN B 150 -18.36 -11.47 15.00
CA GLN B 150 -17.51 -11.35 16.15
C GLN B 150 -16.51 -10.21 15.85
N SER B 151 -15.19 -10.43 16.00
CA SER B 151 -14.22 -9.31 15.83
C SER B 151 -14.09 -8.74 14.48
N CYS B 152 -14.72 -9.33 13.47
CA CYS B 152 -14.66 -8.68 12.12
C CYS B 152 -15.43 -7.37 12.14
N VAL B 153 -16.30 -7.16 13.14
CA VAL B 153 -17.07 -5.92 13.27
C VAL B 153 -16.18 -4.78 13.72
N LYS B 154 -15.06 -5.06 14.37
CA LYS B 154 -14.25 -3.97 14.92
C LYS B 154 -13.90 -2.85 13.92
N PRO B 155 -13.35 -3.22 12.79
CA PRO B 155 -12.95 -2.20 11.82
C PRO B 155 -14.15 -1.45 11.25
N LEU B 156 -15.30 -2.08 11.23
CA LEU B 156 -16.51 -1.45 10.72
C LEU B 156 -17.10 -0.41 11.68
N LYS B 157 -17.18 -0.72 12.97
CA LYS B 157 -17.67 0.26 13.91
C LYS B 157 -16.68 1.40 14.11
N TYR B 158 -15.40 1.10 13.99
CA TYR B 158 -14.39 2.13 14.02
C TYR B 158 -14.51 3.07 12.84
N ALA B 159 -14.85 2.54 11.67
CA ALA B 159 -15.08 3.36 10.50
C ALA B 159 -16.29 4.27 10.69
N ILE B 160 -17.31 3.79 11.39
CA ILE B 160 -18.52 4.57 11.64
C ILE B 160 -18.21 5.70 12.58
N ALA B 161 -17.51 5.38 13.66
CA ALA B 161 -17.02 6.38 14.57
C ALA B 161 -16.18 7.44 13.87
N VAL B 162 -15.25 7.08 13.01
CA VAL B 162 -14.46 8.13 12.35
C VAL B 162 -15.32 8.92 11.33
N ASN B 163 -16.15 8.22 10.61
CA ASN B 163 -17.04 8.87 9.68
C ASN B 163 -17.92 9.92 10.31
N ASP B 164 -18.53 9.64 11.46
CA ASP B 164 -19.36 10.66 12.16
C ASP B 164 -18.58 11.71 12.98
N LEU B 165 -17.48 11.30 13.62
CA LEU B 165 -16.82 12.18 14.61
C LEU B 165 -15.45 12.70 14.22
N GLY B 166 -14.85 12.10 13.20
CA GLY B 166 -13.51 12.52 12.75
C GLY B 166 -12.39 11.92 13.55
N THR B 167 -11.20 11.95 12.96
CA THR B 167 -10.01 11.22 13.43
C THR B 167 -9.57 11.78 14.76
N GLU B 168 -9.45 13.11 14.80
CA GLU B 168 -9.03 13.83 15.99
C GLU B 168 -9.91 13.53 17.19
N TYR B 169 -11.23 13.43 17.01
CA TYR B 169 -12.09 13.12 18.16
C TYR B 169 -11.91 11.68 18.62
N VAL B 170 -12.04 10.75 17.71
CA VAL B 170 -11.95 9.35 18.07
C VAL B 170 -10.62 9.00 18.77
N HIS B 171 -9.53 9.61 18.31
CA HIS B 171 -8.22 9.32 18.85
C HIS B 171 -7.88 10.19 20.04
N ARG B 172 -8.86 10.84 20.65
CA ARG B 172 -8.70 11.27 22.03
C ARG B 172 -8.78 10.07 22.97
N TYR B 173 -9.43 9.01 22.50
CA TYR B 173 -9.80 7.86 23.31
C TYR B 173 -9.08 6.59 23.00
N VAL B 174 -8.47 6.51 21.81
CA VAL B 174 -7.84 5.31 21.40
C VAL B 174 -6.60 5.61 20.53
N GLY B 175 -5.57 4.77 20.68
CA GLY B 175 -4.33 4.92 19.98
C GLY B 175 -4.39 4.48 18.52
N LYS B 176 -3.24 4.59 17.86
CA LYS B 176 -3.15 4.35 16.40
C LYS B 176 -2.14 3.27 16.02
N GLU B 177 -1.62 2.52 16.98
CA GLU B 177 -0.54 1.58 16.66
C GLU B 177 -0.66 0.25 17.31
N PRO B 178 0.12 -0.74 16.79
CA PRO B 178 0.23 -2.07 17.39
C PRO B 178 0.77 -1.93 18.79
N SER B 179 0.30 -2.79 19.69
CA SER B 179 0.69 -2.74 21.08
C SER B 179 2.16 -3.17 21.24
N GLY B 180 2.60 -4.09 20.39
CA GLY B 180 3.95 -4.59 20.49
C GLY B 180 4.03 -5.79 21.40
N LEU B 181 3.01 -5.93 22.24
CA LEU B 181 2.93 -7.09 23.12
C LEU B 181 1.71 -7.90 22.75
N ARG B 182 1.41 -8.93 23.54
CA ARG B 182 0.33 -9.82 23.20
C ARG B 182 -1.04 -9.19 23.39
N PHE B 183 -1.92 -9.42 22.42
CA PHE B 183 -3.28 -8.87 22.48
C PHE B 183 -3.97 -9.24 23.79
N ASN B 184 -3.80 -10.48 24.22
CA ASN B 184 -4.41 -10.95 25.46
C ASN B 184 -3.78 -10.30 26.69
N LYS B 185 -3.33 -9.06 26.54
CA LYS B 185 -2.71 -8.33 27.65
C LYS B 185 -3.47 -7.05 27.95
N LEU B 186 -4.08 -7.01 29.14
CA LEU B 186 -4.84 -5.84 29.57
C LEU B 186 -3.91 -4.71 30.01
N PHE B 187 -3.83 -3.66 29.18
CA PHE B 187 -2.98 -2.52 29.49
C PHE B 187 -3.26 -1.36 28.55
N LEU B 188 -2.74 -0.18 28.89
CA LEU B 188 -2.94 0.99 28.09
C LEU B 188 -1.61 1.57 27.65
N ASN B 189 -1.64 2.43 26.65
CA ASN B 189 -0.44 3.07 26.13
C ASN B 189 0.03 4.15 27.08
N GLU B 190 1.04 4.90 26.65
CA GLU B 190 1.67 5.96 27.46
C GLU B 190 0.73 7.10 27.89
N ASP B 191 -0.35 7.32 27.14
CA ASP B 191 -1.31 8.36 27.45
C ASP B 191 -2.60 7.79 28.01
N ASP B 192 -2.54 6.57 28.57
CA ASP B 192 -3.70 5.92 29.21
C ASP B 192 -4.82 5.54 28.25
N LYS B 193 -4.51 5.31 26.98
CA LYS B 193 -5.56 4.97 26.03
C LYS B 193 -5.23 3.55 25.60
N PRO B 194 -6.24 2.75 25.25
CA PRO B 194 -6.03 1.50 24.57
C PRO B 194 -5.20 1.79 23.30
N HIS B 195 -4.45 0.80 22.82
CA HIS B 195 -3.37 1.03 21.87
C HIS B 195 -3.93 1.27 20.52
N ASN B 196 -5.00 0.55 20.14
CA ASN B 196 -5.58 0.69 18.84
C ASN B 196 -6.95 0.10 18.96
N PRO B 197 -7.84 0.34 17.98
CA PRO B 197 -9.23 -0.08 18.14
C PRO B 197 -9.48 -1.55 17.75
N MET B 198 -8.46 -2.27 17.37
CA MET B 198 -8.57 -3.69 17.10
C MET B 198 -8.38 -4.56 18.34
N VAL B 199 -7.78 -4.05 19.41
CA VAL B 199 -7.71 -4.83 20.68
C VAL B 199 -8.98 -4.62 21.49
N ASN B 200 -9.25 -5.55 22.42
CA ASN B 200 -10.60 -5.73 22.87
C ASN B 200 -10.97 -4.41 23.59
N ALA B 201 -10.03 -3.98 24.43
CA ALA B 201 -10.13 -2.72 25.15
C ALA B 201 -10.40 -1.54 24.22
N GLY B 202 -9.80 -1.52 23.05
CA GLY B 202 -9.94 -0.38 22.16
C GLY B 202 -11.26 -0.41 21.48
N ALA B 203 -11.69 -1.61 21.14
CA ALA B 203 -12.98 -1.78 20.46
C ALA B 203 -14.15 -1.42 21.40
N ILE B 204 -13.96 -1.66 22.71
CA ILE B 204 -14.94 -1.35 23.73
C ILE B 204 -15.06 0.16 23.93
N VAL B 205 -13.94 0.84 24.09
CA VAL B 205 -13.97 2.31 24.05
C VAL B 205 -14.62 2.87 22.73
N VAL B 206 -14.24 2.37 21.55
CA VAL B 206 -14.85 2.84 20.28
C VAL B 206 -16.39 2.65 20.31
N THR B 207 -16.84 1.49 20.79
CA THR B 207 -18.26 1.19 20.90
C THR B 207 -18.98 2.29 21.65
N SER B 208 -18.30 2.87 22.63
CA SER B 208 -18.85 3.91 23.51
C SER B 208 -18.86 5.29 22.85
N LEU B 209 -18.33 5.39 21.65
CA LEU B 209 -18.27 6.68 21.03
C LEU B 209 -19.43 6.90 20.05
N ILE B 210 -20.08 5.81 19.63
CA ILE B 210 -21.12 5.86 18.59
C ILE B 210 -22.53 6.24 19.08
N LYS B 211 -23.17 7.21 18.42
CA LYS B 211 -24.53 7.67 18.77
C LYS B 211 -24.65 7.82 20.28
N GLN B 212 -23.82 8.69 20.85
CA GLN B 212 -23.84 8.97 22.26
C GLN B 212 -25.18 9.64 22.57
N GLY B 213 -25.63 9.51 23.80
CA GLY B 213 -26.89 10.15 24.26
C GLY B 213 -28.19 9.57 23.72
N VAL B 214 -28.13 8.37 23.17
CA VAL B 214 -29.29 7.64 22.68
C VAL B 214 -29.24 6.24 23.23
N ASN B 215 -30.30 5.47 23.06
CA ASN B 215 -30.39 4.17 23.69
C ASN B 215 -29.95 2.97 22.85
N ASN B 216 -29.55 1.91 23.53
CA ASN B 216 -29.01 0.74 22.88
C ASN B 216 -29.85 0.17 21.76
N ALA B 217 -31.13 0.51 21.69
CA ALA B 217 -31.96 -0.02 20.63
C ALA B 217 -31.73 0.76 19.37
N GLU B 218 -31.69 2.07 19.53
CA GLU B 218 -31.42 3.05 18.45
C GLU B 218 -29.96 2.94 17.97
N LYS B 219 -29.01 2.77 18.90
CA LYS B 219 -27.61 2.69 18.49
C LYS B 219 -27.42 1.52 17.54
N PHE B 220 -28.07 0.42 17.87
CA PHE B 220 -27.87 -0.83 17.19
C PHE B 220 -28.52 -0.88 15.85
N ASP B 221 -29.60 -0.15 15.68
CA ASP B 221 -30.24 -0.11 14.39
C ASP B 221 -29.51 0.88 13.52
N TYR B 222 -28.96 1.92 14.11
CA TYR B 222 -28.19 2.89 13.39
C TYR B 222 -26.96 2.20 12.81
N VAL B 223 -26.39 1.28 13.57
CA VAL B 223 -25.25 0.54 13.10
C VAL B 223 -25.64 -0.47 12.04
N MET B 224 -26.81 -1.08 12.16
CA MET B 224 -27.25 -2.04 11.14
C MET B 224 -27.64 -1.36 9.84
N GLN B 225 -28.22 -0.17 9.93
CA GLN B 225 -28.57 0.59 8.75
C GLN B 225 -27.28 0.99 8.03
N PHE B 226 -26.18 0.99 8.76
CA PHE B 226 -24.86 1.33 8.22
C PHE B 226 -24.29 0.10 7.52
N LEU B 227 -24.27 -1.03 8.21
CA LEU B 227 -23.74 -2.26 7.61
C LEU B 227 -24.50 -2.62 6.32
N ASN B 228 -25.79 -2.37 6.29
CA ASN B 228 -26.58 -2.61 5.09
C ASN B 228 -26.19 -1.74 3.92
N LYS B 229 -25.78 -0.52 4.18
CA LYS B 229 -25.30 0.32 3.11
C LYS B 229 -23.95 -0.24 2.60
N MET B 230 -23.09 -0.66 3.53
CA MET B 230 -21.78 -1.22 3.22
C MET B 230 -21.91 -2.48 2.37
N ALA B 231 -22.96 -3.25 2.62
CA ALA B 231 -23.22 -4.49 1.91
C ALA B 231 -24.15 -4.40 0.70
N GLY B 232 -24.44 -3.21 0.22
CA GLY B 232 -25.33 -3.09 -0.91
C GLY B 232 -26.69 -3.72 -0.65
N ASN B 233 -27.18 -3.64 0.58
CA ASN B 233 -28.50 -4.24 0.94
C ASN B 233 -28.55 -5.74 0.97
N GLU B 234 -27.44 -6.37 0.75
CA GLU B 234 -27.34 -7.79 1.00
C GLU B 234 -27.37 -8.11 2.52
N TYR B 235 -27.38 -9.39 2.84
CA TYR B 235 -27.74 -9.93 4.16
C TYR B 235 -26.91 -9.39 5.33
N VAL B 236 -27.59 -8.75 6.27
CA VAL B 236 -27.03 -8.42 7.57
C VAL B 236 -28.08 -8.88 8.56
N GLY B 237 -27.71 -9.83 9.42
CA GLY B 237 -28.67 -10.40 10.41
C GLY B 237 -28.22 -10.23 11.85
N PHE B 238 -28.87 -10.92 12.75
CA PHE B 238 -28.49 -10.87 14.15
C PHE B 238 -28.67 -12.23 14.83
N SER B 239 -27.67 -12.70 15.58
CA SER B 239 -27.88 -13.91 16.41
C SER B 239 -28.19 -13.59 17.88
N ASN B 240 -29.46 -13.66 18.26
CA ASN B 240 -29.86 -13.42 19.66
C ASN B 240 -29.32 -14.55 20.58
N ALA B 241 -29.12 -15.75 20.04
CA ALA B 241 -28.56 -16.85 20.80
C ALA B 241 -27.05 -16.65 21.12
N THR B 242 -26.28 -16.19 20.14
CA THR B 242 -24.90 -15.79 20.38
C THR B 242 -24.88 -14.62 21.38
N PHE B 243 -25.69 -13.60 21.14
CA PHE B 243 -25.76 -12.47 22.05
C PHE B 243 -26.00 -12.87 23.52
N GLN B 244 -26.84 -13.88 23.75
CA GLN B 244 -27.19 -14.27 25.12
C GLN B 244 -25.99 -14.98 25.77
N SER B 245 -25.42 -15.93 25.03
CA SER B 245 -24.29 -16.72 25.48
C SER B 245 -23.05 -15.90 25.60
N GLU B 246 -22.96 -14.84 24.81
CA GLU B 246 -21.82 -13.97 24.90
C GLU B 246 -21.98 -13.23 26.21
N ARG B 247 -23.21 -12.87 26.53
CA ARG B 247 -23.44 -12.13 27.77
C ARG B 247 -23.36 -13.02 29.00
N GLU B 248 -23.84 -14.25 28.88
CA GLU B 248 -23.78 -15.22 29.96
C GLU B 248 -22.34 -15.48 30.37
N SER B 249 -21.43 -15.44 29.41
CA SER B 249 -20.02 -15.67 29.66
C SER B 249 -19.16 -14.42 29.57
N GLY B 250 -19.69 -13.28 29.98
CA GLY B 250 -18.95 -12.04 29.90
C GLY B 250 -18.14 -11.57 31.10
N LYS B 251 -17.68 -12.46 31.96
CA LYS B 251 -16.85 -11.96 33.08
C LYS B 251 -15.55 -11.29 32.58
N ARG B 252 -14.76 -12.03 31.82
CA ARG B 252 -13.47 -11.54 31.36
C ARG B 252 -13.61 -10.17 30.67
N ASN B 253 -14.67 -10.00 29.89
CA ASN B 253 -14.98 -8.72 29.22
C ASN B 253 -15.42 -7.57 30.17
N PHE B 254 -16.18 -7.89 31.22
CA PHE B 254 -16.63 -6.85 32.14
C PHE B 254 -15.49 -6.25 32.94
N ALA B 255 -14.52 -7.08 33.28
CA ALA B 255 -13.35 -6.60 33.98
C ALA B 255 -12.78 -5.43 33.19
N ILE B 256 -12.54 -5.68 31.91
CA ILE B 256 -12.01 -4.67 31.02
C ILE B 256 -12.84 -3.41 31.13
N GLY B 257 -14.15 -3.60 31.16
CA GLY B 257 -15.06 -2.49 31.31
C GLY B 257 -14.77 -1.73 32.59
N TYR B 258 -14.62 -2.47 33.69
CA TYR B 258 -14.36 -1.87 34.98
C TYR B 258 -13.05 -1.13 34.94
N TYR B 259 -12.02 -1.84 34.49
CA TYR B 259 -10.69 -1.28 34.38
C TYR B 259 -10.72 0.01 33.57
N LEU B 260 -11.44 0.00 32.44
CA LEU B 260 -11.47 1.16 31.53
C LEU B 260 -12.14 2.40 32.12
N LYS B 261 -13.23 2.17 32.86
CA LYS B 261 -13.92 3.28 33.53
C LYS B 261 -13.04 3.83 34.63
N GLU B 262 -12.42 2.90 35.38
CA GLU B 262 -11.55 3.31 36.49
C GLU B 262 -10.42 4.23 35.97
N LYS B 263 -9.87 3.93 34.80
CA LYS B 263 -8.80 4.77 34.27
C LYS B 263 -9.33 6.02 33.52
N LYS B 264 -10.65 6.27 33.56
CA LYS B 264 -11.27 7.41 32.87
C LYS B 264 -11.03 7.30 31.35
N CYS B 265 -11.37 6.14 30.76
CA CYS B 265 -11.16 5.89 29.30
C CYS B 265 -12.40 6.12 28.45
N PHE B 266 -13.54 6.22 29.11
CA PHE B 266 -14.78 6.45 28.43
C PHE B 266 -15.06 7.91 28.40
N PRO B 267 -16.02 8.32 27.59
CA PRO B 267 -16.39 9.73 27.53
C PRO B 267 -17.26 10.06 28.73
N GLU B 268 -17.22 11.33 29.15
CA GLU B 268 -17.98 11.81 30.29
C GLU B 268 -19.44 11.45 30.17
N GLY B 269 -19.90 10.53 31.01
CA GLY B 269 -21.31 10.20 31.07
C GLY B 269 -21.62 8.78 30.66
N THR B 270 -20.61 7.96 30.56
CA THR B 270 -20.77 6.63 30.00
C THR B 270 -21.30 5.63 30.98
N ASP B 271 -22.28 4.85 30.53
CA ASP B 271 -22.86 3.79 31.31
C ASP B 271 -22.23 2.47 30.89
N MET B 272 -21.09 2.16 31.47
CA MET B 272 -20.34 0.97 31.09
C MET B 272 -21.09 -0.33 30.83
N VAL B 273 -21.91 -0.76 31.79
CA VAL B 273 -22.66 -2.04 31.67
C VAL B 273 -23.58 -2.10 30.42
N GLY B 274 -24.05 -0.93 29.96
CA GLY B 274 -24.84 -0.81 28.72
C GLY B 274 -23.95 -0.77 27.48
N ILE B 275 -22.83 -0.07 27.58
CA ILE B 275 -21.85 -0.12 26.51
C ILE B 275 -21.40 -1.55 26.22
N LEU B 276 -21.13 -2.30 27.27
CA LEU B 276 -20.69 -3.69 27.13
C LEU B 276 -21.80 -4.53 26.53
N ASP B 277 -23.03 -4.15 26.82
CA ASP B 277 -24.18 -4.86 26.31
C ASP B 277 -24.25 -4.65 24.80
N PHE B 278 -24.12 -3.40 24.41
CA PHE B 278 -24.12 -2.97 22.98
C PHE B 278 -22.98 -3.63 22.24
N TYR B 279 -21.84 -3.75 22.91
CA TYR B 279 -20.65 -4.40 22.37
C TYR B 279 -20.90 -5.86 22.07
N PHE B 280 -21.62 -6.57 22.95
CA PHE B 280 -21.99 -7.96 22.70
C PHE B 280 -22.98 -8.11 21.54
N GLN B 281 -23.91 -7.17 21.40
CA GLN B 281 -24.84 -7.21 20.30
C GLN B 281 -24.06 -7.13 18.99
N LEU B 282 -23.25 -6.08 18.81
CA LEU B 282 -22.48 -5.90 17.58
C LEU B 282 -21.62 -7.11 17.21
N CYS B 283 -21.03 -7.81 18.19
CA CYS B 283 -20.22 -9.02 17.89
C CYS B 283 -21.10 -10.11 17.32
N SER B 284 -22.39 -10.04 17.62
CA SER B 284 -23.32 -11.09 17.25
C SER B 284 -24.11 -10.80 15.97
N ILE B 285 -23.77 -9.75 15.25
CA ILE B 285 -24.31 -9.45 13.92
C ILE B 285 -23.86 -10.51 12.94
N GLU B 286 -24.75 -10.89 12.02
CA GLU B 286 -24.55 -12.01 11.10
C GLU B 286 -24.40 -11.52 9.66
N VAL B 287 -23.53 -12.19 8.92
CA VAL B 287 -23.28 -11.92 7.57
C VAL B 287 -23.10 -13.29 6.93
N THR B 288 -23.01 -13.29 5.59
CA THR B 288 -22.56 -14.45 4.83
C THR B 288 -21.24 -14.07 4.23
N CYS B 289 -20.53 -15.01 3.63
CA CYS B 289 -19.32 -14.60 2.85
C CYS B 289 -19.67 -13.55 1.77
N GLU B 290 -20.77 -13.80 1.05
CA GLU B 290 -21.26 -12.97 -0.04
C GLU B 290 -21.53 -11.53 0.38
N SER B 291 -22.32 -11.34 1.42
CA SER B 291 -22.60 -10.00 1.86
C SER B 291 -21.39 -9.32 2.51
N ALA B 292 -20.59 -10.05 3.30
CA ALA B 292 -19.38 -9.51 3.93
C ALA B 292 -18.38 -9.10 2.87
N SER B 293 -18.29 -9.82 1.77
CA SER B 293 -17.34 -9.42 0.70
C SER B 293 -17.68 -8.05 0.08
N VAL B 294 -18.96 -7.62 0.07
CA VAL B 294 -19.30 -6.31 -0.51
C VAL B 294 -18.88 -5.23 0.49
N MET B 295 -19.01 -5.54 1.76
CA MET B 295 -18.56 -4.65 2.83
C MET B 295 -17.07 -4.38 2.67
N ALA B 296 -16.29 -5.44 2.47
CA ALA B 296 -14.88 -5.32 2.29
C ALA B 296 -14.58 -4.54 0.99
N ALA B 297 -15.32 -4.81 -0.08
CA ALA B 297 -15.19 -4.07 -1.32
C ALA B 297 -15.49 -2.58 -1.14
N THR B 298 -16.42 -2.21 -0.27
CA THR B 298 -16.69 -0.81 -0.04
C THR B 298 -15.45 -0.13 0.53
N LEU B 299 -14.75 -0.87 1.36
CA LEU B 299 -13.49 -0.44 1.93
C LEU B 299 -12.36 -0.40 0.91
N ALA B 300 -12.37 -1.30 -0.06
CA ALA B 300 -11.35 -1.32 -1.16
C ALA B 300 -11.63 -0.22 -2.16
N ASN B 301 -12.87 0.26 -2.21
CA ASN B 301 -13.35 1.24 -3.22
C ASN B 301 -13.52 2.63 -2.60
N GLY B 302 -12.70 2.99 -1.62
CA GLY B 302 -12.70 4.37 -1.12
C GLY B 302 -13.95 4.85 -0.39
N GLY B 303 -14.78 3.94 0.06
CA GLY B 303 -15.96 4.22 0.87
C GLY B 303 -17.23 4.13 0.07
N PHE B 304 -17.14 3.86 -1.23
CA PHE B 304 -18.31 3.70 -2.09
C PHE B 304 -18.66 2.24 -2.28
N CYS B 305 -19.92 1.93 -2.07
CA CYS B 305 -20.34 0.58 -2.22
C CYS B 305 -20.34 0.26 -3.71
N PRO B 306 -19.54 -0.77 -4.13
CA PRO B 306 -19.38 -1.01 -5.54
C PRO B 306 -20.61 -1.49 -6.27
N ILE B 307 -21.57 -2.15 -5.60
CA ILE B 307 -22.81 -2.60 -6.29
C ILE B 307 -23.97 -1.63 -6.24
N THR B 308 -23.85 -0.52 -5.49
CA THR B 308 -24.83 0.56 -5.58
C THR B 308 -24.31 1.94 -6.05
N GLY B 309 -23.00 2.20 -5.95
CA GLY B 309 -22.39 3.50 -6.19
C GLY B 309 -22.64 4.52 -5.04
N GLU B 310 -23.22 4.09 -3.95
CA GLU B 310 -23.51 4.99 -2.85
C GLU B 310 -22.30 5.30 -1.97
N ARG B 311 -22.13 6.56 -1.60
CA ARG B 311 -21.04 6.91 -0.71
C ARG B 311 -21.50 6.47 0.66
N VAL B 312 -20.73 5.60 1.30
CA VAL B 312 -21.12 5.07 2.57
C VAL B 312 -20.21 5.54 3.69
N LEU B 313 -18.96 5.80 3.37
CA LEU B 313 -17.99 6.21 4.36
C LEU B 313 -17.07 7.26 3.79
N SER B 314 -16.69 8.20 4.63
CA SER B 314 -15.74 9.22 4.24
C SER B 314 -14.39 8.58 3.94
N PRO B 315 -13.58 9.21 3.07
CA PRO B 315 -12.19 8.80 2.76
C PRO B 315 -11.28 8.68 3.95
N GLU B 316 -11.34 9.65 4.85
CA GLU B 316 -10.55 9.58 6.08
C GLU B 316 -10.90 8.31 6.93
N ALA B 317 -12.17 7.93 7.01
CA ALA B 317 -12.59 6.75 7.75
C ALA B 317 -12.06 5.48 7.11
N VAL B 318 -12.16 5.39 5.80
CA VAL B 318 -11.69 4.20 5.11
C VAL B 318 -10.15 4.04 5.20
N ARG B 319 -9.42 5.08 4.81
CA ARG B 319 -7.96 5.04 4.86
C ARG B 319 -7.47 4.58 6.22
N ASN B 320 -7.94 5.24 7.27
CA ASN B 320 -7.55 4.88 8.63
C ASN B 320 -7.84 3.42 8.91
N THR B 321 -9.10 3.02 8.74
CA THR B 321 -9.51 1.63 8.97
C THR B 321 -8.50 0.63 8.35
N LEU B 322 -8.10 0.91 7.11
CA LEU B 322 -7.23 0.01 6.39
C LEU B 322 -5.87 0.01 7.04
N SER B 323 -5.46 1.16 7.56
CA SER B 323 -4.18 1.34 8.19
C SER B 323 -4.10 0.56 9.48
N LEU B 324 -5.17 0.57 10.24
CA LEU B 324 -5.21 -0.19 11.49
C LEU B 324 -5.42 -1.68 11.24
N MET B 325 -6.12 -2.01 10.16
CA MET B 325 -6.28 -3.43 9.77
C MET B 325 -4.95 -4.04 9.30
N HIS B 326 -4.13 -3.23 8.67
CA HIS B 326 -2.85 -3.64 8.23
C HIS B 326 -1.99 -4.06 9.39
N SER B 327 -2.09 -3.33 10.48
CA SER B 327 -1.19 -3.42 11.61
C SER B 327 -1.63 -4.30 12.76
N CYS B 328 -2.93 -4.35 13.02
CA CYS B 328 -3.46 -4.89 14.25
C CYS B 328 -4.67 -5.78 14.03
N GLY B 329 -4.89 -6.22 12.81
CA GLY B 329 -6.08 -6.94 12.46
C GLY B 329 -6.13 -8.44 12.63
N MET B 330 -4.99 -9.08 12.89
CA MET B 330 -4.96 -10.51 12.99
C MET B 330 -4.39 -10.99 14.34
N TYR B 331 -4.67 -10.24 15.38
CA TYR B 331 -4.18 -10.56 16.71
C TYR B 331 -2.70 -10.73 16.68
N ASP B 332 -2.18 -11.65 17.50
CA ASP B 332 -0.74 -11.88 17.63
C ASP B 332 -0.03 -12.20 16.29
N PHE B 333 -0.74 -12.60 15.25
CA PHE B 333 -0.15 -12.82 13.94
C PHE B 333 -0.07 -11.56 13.07
N SER B 334 -0.42 -10.40 13.63
CA SER B 334 -0.61 -9.21 12.86
C SER B 334 0.65 -8.73 12.14
N GLY B 335 1.79 -8.81 12.81
CA GLY B 335 3.00 -8.32 12.30
C GLY B 335 3.58 -9.23 11.23
N GLN B 336 3.45 -10.53 11.45
CA GLN B 336 3.83 -11.51 10.42
C GLN B 336 2.96 -11.45 9.20
N PHE B 337 1.66 -11.20 9.41
CA PHE B 337 0.73 -11.15 8.33
C PHE B 337 1.05 -9.90 7.48
N ALA B 338 1.22 -8.73 8.12
CA ALA B 338 1.64 -7.52 7.49
C ALA B 338 2.91 -7.80 6.63
N PHE B 339 3.87 -8.49 7.22
CA PHE B 339 5.16 -8.73 6.52
C PHE B 339 5.00 -9.64 5.31
N HIS B 340 4.29 -10.76 5.48
CA HIS B 340 4.23 -11.78 4.48
C HIS B 340 3.08 -11.61 3.50
N VAL B 341 1.91 -11.11 3.92
CA VAL B 341 0.73 -11.01 3.08
C VAL B 341 0.52 -9.53 2.65
N GLY B 342 0.68 -8.59 3.55
CA GLY B 342 0.74 -7.22 3.15
C GLY B 342 -0.56 -6.70 2.61
N LEU B 343 -1.64 -7.09 3.26
CA LEU B 343 -2.96 -6.65 3.00
C LEU B 343 -3.68 -6.32 4.28
N PRO B 344 -4.50 -5.28 4.24
CA PRO B 344 -5.36 -5.06 5.41
C PRO B 344 -6.38 -6.21 5.53
N ALA B 345 -6.43 -6.90 6.70
CA ALA B 345 -7.40 -8.01 6.97
C ALA B 345 -7.86 -7.95 8.44
N LYS B 346 -9.01 -8.52 8.77
CA LYS B 346 -9.46 -8.64 10.13
C LYS B 346 -10.08 -9.96 10.32
N SER B 347 -9.63 -10.66 11.35
CA SER B 347 -10.14 -11.97 11.69
C SER B 347 -11.11 -11.89 12.86
N GLY B 348 -11.94 -12.93 12.99
CA GLY B 348 -12.86 -13.09 14.10
C GLY B 348 -12.99 -14.55 14.49
N VAL B 349 -13.37 -14.75 15.76
CA VAL B 349 -13.43 -16.05 16.40
C VAL B 349 -14.50 -16.99 15.75
N ALA B 350 -15.39 -16.47 14.91
CA ALA B 350 -16.29 -17.35 14.21
C ALA B 350 -15.60 -18.03 13.02
N GLY B 351 -14.36 -17.67 12.65
CA GLY B 351 -13.65 -18.20 11.47
C GLY B 351 -13.65 -17.29 10.23
N GLY B 352 -14.13 -16.06 10.39
CA GLY B 352 -14.22 -15.15 9.26
C GLY B 352 -12.88 -14.45 9.16
N ILE B 353 -12.46 -14.12 7.93
CA ILE B 353 -11.39 -13.20 7.73
C ILE B 353 -11.85 -12.28 6.62
N LEU B 354 -12.02 -11.02 7.00
CA LEU B 354 -12.40 -9.96 6.09
C LEU B 354 -11.11 -9.42 5.50
N LEU B 355 -10.97 -9.46 4.18
CA LEU B 355 -9.73 -9.04 3.51
C LEU B 355 -10.02 -7.95 2.48
N VAL B 356 -9.21 -6.89 2.45
CA VAL B 356 -9.28 -5.84 1.45
C VAL B 356 -8.04 -5.84 0.58
N VAL B 357 -8.21 -5.86 -0.77
CA VAL B 357 -7.10 -5.52 -1.66
C VAL B 357 -7.39 -4.16 -2.21
N PRO B 358 -6.77 -3.14 -1.64
CA PRO B 358 -7.13 -1.78 -1.98
C PRO B 358 -7.06 -1.53 -3.48
N ASN B 359 -8.09 -0.83 -3.99
CA ASN B 359 -8.25 -0.52 -5.36
C ASN B 359 -8.62 -1.66 -6.29
N VAL B 360 -8.76 -2.87 -5.79
CA VAL B 360 -9.06 -4.08 -6.56
C VAL B 360 -10.32 -4.78 -6.01
N MET B 361 -10.35 -5.18 -4.75
CA MET B 361 -11.44 -6.00 -4.33
C MET B 361 -11.57 -6.21 -2.84
N GLY B 362 -12.74 -6.66 -2.43
CA GLY B 362 -13.00 -7.12 -1.12
C GLY B 362 -13.19 -8.62 -1.13
N MET B 363 -12.98 -9.24 0.01
CA MET B 363 -13.17 -10.66 0.18
C MET B 363 -13.55 -11.05 1.62
N MET B 364 -14.50 -11.96 1.77
CA MET B 364 -14.71 -12.59 3.00
C MET B 364 -14.43 -14.05 2.80
N CYS B 365 -13.58 -14.60 3.69
CA CYS B 365 -13.16 -16.08 3.77
C CYS B 365 -13.69 -16.60 5.10
N TRP B 366 -14.25 -17.80 5.13
CA TRP B 366 -14.82 -18.32 6.36
C TRP B 366 -14.59 -19.79 6.49
N SER B 367 -13.97 -20.17 7.63
CA SER B 367 -13.86 -21.53 8.07
C SER B 367 -13.71 -21.53 9.63
N PRO B 368 -14.63 -22.19 10.33
CA PRO B 368 -14.60 -22.15 11.79
C PRO B 368 -13.28 -22.61 12.54
N PRO B 369 -12.55 -23.66 12.08
CA PRO B 369 -11.37 -24.10 12.79
C PRO B 369 -10.27 -23.03 12.85
N LEU B 370 -9.84 -22.72 14.07
CA LEU B 370 -8.98 -21.64 14.36
C LEU B 370 -7.63 -22.22 14.82
N ASP B 371 -6.55 -21.50 14.53
CA ASP B 371 -5.25 -21.89 14.98
C ASP B 371 -5.08 -21.22 16.32
N LYS B 372 -3.97 -21.54 16.98
CA LYS B 372 -3.50 -21.00 18.27
C LYS B 372 -3.69 -19.51 18.52
N MET B 373 -3.57 -18.70 17.49
CA MET B 373 -3.79 -17.29 17.70
C MET B 373 -5.24 -16.85 17.44
N GLY B 374 -6.15 -17.78 17.17
CA GLY B 374 -7.56 -17.43 16.99
C GLY B 374 -7.88 -17.01 15.56
N ASN B 375 -6.95 -17.28 14.63
CA ASN B 375 -7.19 -17.10 13.19
C ASN B 375 -7.54 -18.38 12.44
N SER B 376 -8.48 -18.23 11.51
CA SER B 376 -8.92 -19.34 10.62
C SER B 376 -7.78 -20.01 9.83
N VAL B 377 -7.61 -21.32 10.00
CA VAL B 377 -6.49 -22.05 9.36
C VAL B 377 -6.62 -22.04 7.86
N LYS B 378 -7.79 -22.35 7.30
CA LYS B 378 -8.01 -22.23 5.85
C LYS B 378 -7.87 -20.81 5.31
N GLY B 379 -8.34 -19.87 6.10
CA GLY B 379 -8.26 -18.46 5.77
C GLY B 379 -6.84 -17.94 5.69
N ILE B 380 -6.02 -18.24 6.69
CA ILE B 380 -4.59 -17.83 6.69
C ILE B 380 -3.90 -18.54 5.53
N HIS B 381 -4.18 -19.80 5.32
CA HIS B 381 -3.50 -20.50 4.24
C HIS B 381 -3.84 -19.85 2.91
N PHE B 382 -5.11 -19.59 2.71
CA PHE B 382 -5.62 -18.94 1.46
C PHE B 382 -4.96 -17.59 1.19
N CYS B 383 -4.95 -16.69 2.19
CA CYS B 383 -4.31 -15.37 2.10
C CYS B 383 -2.83 -15.44 1.77
N HIS B 384 -2.08 -16.37 2.34
CA HIS B 384 -0.72 -16.58 1.87
C HIS B 384 -0.64 -16.92 0.42
N ASP B 385 -1.49 -17.84 -0.06
CA ASP B 385 -1.42 -18.35 -1.45
C ASP B 385 -1.84 -17.28 -2.44
N LEU B 386 -2.85 -16.50 -2.09
CA LEU B 386 -3.26 -15.43 -2.99
C LEU B 386 -2.09 -14.52 -3.30
N VAL B 387 -1.34 -14.15 -2.26
CA VAL B 387 -0.24 -13.19 -2.41
C VAL B 387 1.01 -13.85 -3.00
N SER B 388 1.19 -15.17 -2.84
CA SER B 388 2.23 -15.86 -3.65
C SER B 388 1.94 -15.84 -5.13
N LEU B 389 0.69 -16.03 -5.51
CA LEU B 389 0.27 -16.05 -6.92
C LEU B 389 0.21 -14.64 -7.57
N CYS B 390 -0.37 -13.68 -6.85
CA CYS B 390 -0.68 -12.38 -7.38
C CYS B 390 0.11 -11.25 -6.71
N ASN B 391 0.44 -10.25 -7.50
CA ASN B 391 1.15 -9.15 -7.01
C ASN B 391 0.33 -8.15 -6.22
N PHE B 392 -0.40 -8.65 -5.21
CA PHE B 392 -1.22 -7.94 -4.29
C PHE B 392 -0.62 -7.48 -3.03
N HIS B 393 0.59 -7.92 -2.68
CA HIS B 393 1.19 -7.39 -1.52
C HIS B 393 1.27 -5.88 -1.62
N ASN B 394 0.98 -5.18 -0.53
CA ASN B 394 1.22 -3.77 -0.51
C ASN B 394 2.48 -3.24 -1.18
N TYR B 395 3.59 -3.88 -0.87
CA TYR B 395 4.87 -3.57 -1.37
C TYR B 395 5.41 -4.47 -2.46
N ASP B 396 4.50 -5.23 -3.13
CA ASP B 396 4.76 -5.77 -4.49
C ASP B 396 4.88 -4.53 -5.43
N ASN B 397 5.66 -4.60 -6.47
CA ASN B 397 5.73 -3.50 -7.47
C ASN B 397 4.78 -3.85 -8.65
N LEU B 398 4.11 -2.84 -9.18
CA LEU B 398 3.26 -2.96 -10.39
C LEU B 398 4.00 -3.15 -11.73
N ARG B 399 5.29 -2.86 -11.84
CA ARG B 399 5.98 -3.09 -13.11
C ARG B 399 6.88 -4.33 -13.10
N HIS B 400 7.53 -4.58 -12.00
CA HIS B 400 8.51 -5.63 -11.88
C HIS B 400 8.17 -6.50 -10.71
N PHE B 401 7.70 -7.69 -11.00
CA PHE B 401 7.16 -8.58 -9.98
C PHE B 401 7.36 -10.08 -10.29
N ALA B 402 8.42 -10.49 -10.95
CA ALA B 402 8.89 -11.87 -10.96
C ALA B 402 7.87 -12.81 -11.56
N LYS B 403 7.61 -13.90 -10.84
CA LYS B 403 6.70 -14.94 -11.35
C LYS B 403 5.37 -14.78 -10.65
N LYS B 404 4.87 -13.57 -10.57
CA LYS B 404 3.55 -13.37 -9.98
C LYS B 404 2.71 -12.98 -11.14
N LEU B 405 1.46 -13.36 -11.02
CA LEU B 405 0.41 -12.99 -11.92
C LEU B 405 -0.15 -11.57 -11.46
N ASP B 406 -0.44 -10.68 -12.41
CA ASP B 406 -1.14 -9.43 -12.14
C ASP B 406 -2.49 -9.48 -12.82
N PRO B 407 -3.53 -9.81 -12.06
CA PRO B 407 -4.89 -9.89 -12.61
C PRO B 407 -5.49 -8.57 -13.13
N ARG B 408 -4.84 -7.43 -12.94
CA ARG B 408 -5.37 -6.18 -13.48
C ARG B 408 -5.00 -5.98 -14.95
N ARG B 409 -4.12 -6.81 -15.45
CA ARG B 409 -3.71 -6.74 -16.82
C ARG B 409 -4.13 -7.95 -17.58
N GLU B 410 -4.24 -7.77 -18.86
CA GLU B 410 -4.65 -8.84 -19.71
C GLU B 410 -3.48 -9.71 -20.10
N GLY B 411 -3.65 -11.01 -19.95
CA GLY B 411 -2.65 -12.01 -20.38
C GLY B 411 -1.56 -11.54 -21.34
N ALA C 1 -16.01 8.36 -19.14
CA ALA C 1 -17.32 8.89 -19.47
C ALA C 1 -17.86 8.24 -20.75
N LYS C 2 -18.91 8.83 -21.31
CA LYS C 2 -19.53 8.31 -22.52
C LYS C 2 -18.74 8.74 -23.76
N GLY C 3 -18.23 9.97 -23.73
CA GLY C 3 -17.47 10.49 -24.84
C GLY C 3 -16.18 9.73 -25.10
N ALA C 4 -15.46 9.47 -24.04
CA ALA C 4 -14.16 8.82 -24.09
C ALA C 4 -14.29 7.42 -24.68
N LEU C 5 -15.32 6.71 -24.23
CA LEU C 5 -15.55 5.35 -24.66
C LEU C 5 -15.91 5.31 -26.12
N GLN C 6 -16.75 6.25 -26.52
CA GLN C 6 -17.29 6.29 -27.86
C GLN C 6 -16.22 6.57 -28.90
N GLU C 7 -15.23 7.35 -28.53
CA GLU C 7 -14.13 7.61 -29.43
C GLU C 7 -13.34 6.33 -29.61
N LEU C 8 -12.82 5.83 -28.51
CA LEU C 8 -11.97 4.67 -28.47
C LEU C 8 -12.54 3.47 -29.21
N GLY C 9 -13.82 3.21 -29.02
CA GLY C 9 -14.39 1.97 -29.49
C GLY C 9 -14.91 2.03 -30.91
N ALA C 10 -15.36 3.19 -31.34
CA ALA C 10 -15.77 3.37 -32.73
C ALA C 10 -14.54 3.19 -33.61
N GLY C 11 -13.40 3.67 -33.13
CA GLY C 11 -12.17 3.54 -33.85
C GLY C 11 -11.81 2.07 -33.98
N LEU C 12 -11.74 1.41 -32.85
CA LEU C 12 -11.31 0.03 -32.82
C LEU C 12 -12.25 -0.90 -33.55
N THR C 13 -13.53 -0.63 -33.45
CA THR C 13 -14.53 -1.53 -33.97
C THR C 13 -14.98 -1.08 -35.37
N ALA C 14 -14.81 0.20 -35.67
CA ALA C 14 -15.30 0.77 -36.91
C ALA C 14 -14.26 1.67 -37.57
#